data_6OM4
#
_entry.id   6OM4
#
_cell.length_a   55.094
_cell.length_b   76.059
_cell.length_c   131.902
_cell.angle_alpha   90.00
_cell.angle_beta   90.00
_cell.angle_gamma   90.00
#
_symmetry.space_group_name_H-M   'P 21 21 21'
#
loop_
_entity.id
_entity.type
_entity.pdbx_description
1 polymer 'MccB protein'
2 polymer 'Microcin C7'
3 non-polymer 'ZINC ION'
4 non-polymer 'MAGNESIUM ION'
5 non-polymer 'PYROPHOSPHATE 2-'
6 non-polymer "5'-O-[(S)-amino(hydroxy)phosphoryl]adenosine"
7 water water
#
loop_
_entity_poly.entity_id
_entity_poly.type
_entity_poly.pdbx_seq_one_letter_code
_entity_poly.pdbx_strand_id
1 'polypeptide(L)'
;MDYILGRYVKIARYGSGGLVGGGGKEQYVENLVLWENIIKTAYCFITPSSYTAALETANIPEKDFSNCFRFLKENFFIIP
SEYNNSTENNRYSRNFLHYQSYGANPVLVQDKLKNAKVVILGCGGIGNHVSVILATSGIGEIILIDNDQIENTNLTRQVL
FSEDDVGKNKTEVIKRELLKRNSEISVSEIALNINDYTDLHKVPEADIWVVSADHPFNLINWVNKYCVRANQPYINAGYV
NDIAVFGPLYVPGKTGCYECQKVVADLYGAEKENIDHKIKLINSRFKPATFAPVNNVAAALCAADVIKFIGKYSEPLSLN
KRIGIWSDEIKIHSQNMGRSPVCSVCGN
;
A,B
2 'polypeptide(L)' (FME)RTGNAD C,D
#
loop_
_chem_comp.id
_chem_comp.type
_chem_comp.name
_chem_comp.formula
MG non-polymer 'MAGNESIUM ION' 'Mg 2'
ND7 non-polymer 5'-O-[(S)-amino(hydroxy)phosphoryl]adenosine 'C10 H15 N6 O6 P'
POP non-polymer 'PYROPHOSPHATE 2-' 'H2 O7 P2 -2'
ZN non-polymer 'ZINC ION' 'Zn 2'
#
# COMPACT_ATOMS: atom_id res chain seq x y z
N MET A 1 -9.64 10.46 36.46
CA MET A 1 -8.78 9.41 37.00
C MET A 1 -9.37 8.00 36.78
N ASP A 2 -10.42 7.86 35.95
CA ASP A 2 -10.86 6.56 35.46
C ASP A 2 -10.08 6.23 34.18
N TYR A 3 -9.66 4.97 34.09
CA TYR A 3 -8.99 4.38 32.96
C TYR A 3 -9.82 3.24 32.39
N ILE A 4 -9.61 2.94 31.11
CA ILE A 4 -10.29 1.85 30.42
C ILE A 4 -9.29 1.13 29.50
N LEU A 5 -9.47 -0.19 29.38
CA LEU A 5 -8.68 -1.00 28.46
C LEU A 5 -9.15 -0.71 27.04
N GLY A 6 -8.21 -0.31 26.16
CA GLY A 6 -8.54 -0.12 24.75
C GLY A 6 -9.03 -1.43 24.11
N ARG A 7 -9.94 -1.31 23.14
CA ARG A 7 -10.53 -2.48 22.50
C ARG A 7 -9.48 -3.14 21.58
N TYR A 8 -8.37 -2.45 21.35
CA TYR A 8 -7.30 -2.86 20.40
C TYR A 8 -6.23 -3.68 21.12
N VAL A 9 -6.47 -4.01 22.40
CA VAL A 9 -5.62 -4.91 23.15
C VAL A 9 -6.04 -6.35 22.90
N LYS A 10 -5.04 -7.19 22.63
CA LYS A 10 -5.20 -8.62 22.52
C LYS A 10 -4.06 -9.29 23.30
N ILE A 11 -4.23 -10.57 23.61
CA ILE A 11 -3.31 -11.29 24.49
C ILE A 11 -3.07 -12.68 23.93
N ALA A 12 -1.80 -13.16 23.97
CA ALA A 12 -1.53 -14.52 23.49
C ALA A 12 -0.38 -15.09 24.31
N ARG A 13 -0.38 -16.42 24.47
CA ARG A 13 0.82 -17.12 24.90
C ARG A 13 1.81 -17.17 23.72
N TYR A 14 3.11 -17.14 24.02
CA TYR A 14 4.14 -17.14 23.02
C TYR A 14 5.50 -17.47 23.64
N GLY A 15 6.24 -18.36 23.02
CA GLY A 15 7.63 -18.70 23.50
C GLY A 15 7.66 -19.08 24.98
N SER A 16 8.50 -18.38 25.73
CA SER A 16 8.72 -18.66 27.13
C SER A 16 7.86 -17.72 27.99
N GLY A 17 6.96 -16.94 27.36
CA GLY A 17 6.08 -16.04 28.08
C GLY A 17 4.80 -15.76 27.30
N GLY A 18 4.59 -14.49 27.04
CA GLY A 18 3.40 -14.08 26.37
C GLY A 18 3.55 -12.77 25.67
N LEU A 19 2.53 -12.45 24.88
CA LEU A 19 2.39 -11.23 24.20
C LEU A 19 1.23 -10.42 24.76
N VAL A 20 1.48 -9.11 24.83
CA VAL A 20 0.43 -8.16 25.13
C VAL A 20 0.43 -7.09 24.04
N GLY A 21 -0.73 -6.89 23.39
CA GLY A 21 -0.86 -5.87 22.45
C GLY A 21 -0.60 -6.36 21.04
N GLY A 22 -0.92 -5.52 20.07
CA GLY A 22 -0.61 -5.79 18.68
C GLY A 22 -0.16 -4.54 17.97
N GLY A 23 0.62 -4.74 16.90
CA GLY A 23 1.19 -3.62 16.12
C GLY A 23 2.53 -3.18 16.67
N GLY A 24 2.94 -1.93 16.37
CA GLY A 24 4.24 -1.36 16.75
C GLY A 24 4.55 -1.47 18.25
N LYS A 25 3.50 -1.42 19.08
CA LYS A 25 3.66 -1.42 20.56
C LYS A 25 3.47 -2.82 21.17
N GLU A 26 3.36 -3.85 20.33
CA GLU A 26 3.27 -5.22 20.87
C GLU A 26 4.48 -5.51 21.76
N GLN A 27 4.23 -6.06 22.94
CA GLN A 27 5.29 -6.40 23.88
C GLN A 27 5.36 -7.90 24.13
N TYR A 28 6.57 -8.46 23.99
CA TYR A 28 6.84 -9.79 24.44
C TYR A 28 7.32 -9.71 25.89
N VAL A 29 6.64 -10.47 26.76
CA VAL A 29 6.99 -10.58 28.18
C VAL A 29 7.44 -12.00 28.44
N GLU A 30 8.75 -12.20 28.61
CA GLU A 30 9.33 -13.52 28.74
C GLU A 30 8.94 -14.12 30.10
N ASN A 31 8.86 -13.24 31.12
CA ASN A 31 8.53 -13.60 32.49
C ASN A 31 7.04 -13.95 32.57
N LEU A 32 6.74 -15.24 32.67
CA LEU A 32 5.34 -15.71 32.68
C LEU A 32 4.56 -15.13 33.83
N VAL A 33 5.21 -15.02 34.98
CA VAL A 33 4.49 -14.55 36.14
C VAL A 33 4.05 -13.10 35.93
N LEU A 34 4.95 -12.30 35.37
CA LEU A 34 4.69 -10.92 35.05
C LEU A 34 3.56 -10.84 34.00
N TRP A 35 3.64 -11.68 32.96
CA TRP A 35 2.59 -11.69 31.90
C TRP A 35 1.21 -11.96 32.52
N GLU A 36 1.14 -12.92 33.44
CA GLU A 36 -0.11 -13.29 34.12
C GLU A 36 -0.62 -12.10 34.92
N ASN A 37 0.29 -11.40 35.60
CA ASN A 37 -0.09 -10.25 36.41
C ASN A 37 -0.53 -9.07 35.53
N ILE A 38 0.09 -8.89 34.37
CA ILE A 38 -0.37 -7.84 33.45
C ILE A 38 -1.81 -8.13 33.02
N ILE A 39 -2.09 -9.41 32.74
CA ILE A 39 -3.49 -9.82 32.33
C ILE A 39 -4.46 -9.49 33.45
N LYS A 40 -4.12 -9.84 34.71
CA LYS A 40 -5.01 -9.60 35.84
C LYS A 40 -5.24 -8.08 36.01
N THR A 41 -4.19 -7.28 35.82
CA THR A 41 -4.30 -5.84 35.90
C THR A 41 -5.19 -5.30 34.78
N ALA A 42 -4.94 -5.73 33.55
CA ALA A 42 -5.68 -5.32 32.38
C ALA A 42 -7.18 -5.54 32.58
N TYR A 43 -7.49 -6.71 33.14
CA TYR A 43 -8.85 -7.15 33.30
C TYR A 43 -9.64 -6.21 34.22
N CYS A 44 -8.95 -5.59 35.20
CA CYS A 44 -9.61 -4.64 36.09
C CYS A 44 -10.17 -3.43 35.35
N PHE A 45 -9.67 -3.14 34.16
CA PHE A 45 -10.05 -1.92 33.46
C PHE A 45 -10.95 -2.17 32.26
N ILE A 46 -11.63 -3.33 32.18
CA ILE A 46 -12.58 -3.56 31.10
C ILE A 46 -13.67 -2.47 31.14
N THR A 47 -14.12 -2.17 32.36
CA THR A 47 -15.06 -1.09 32.63
C THR A 47 -14.25 0.05 33.23
N PRO A 48 -14.68 1.31 33.08
CA PRO A 48 -13.90 2.46 33.55
C PRO A 48 -13.64 2.33 35.06
N SER A 49 -12.39 2.44 35.46
CA SER A 49 -12.03 2.23 36.83
C SER A 49 -10.84 3.11 37.21
N SER A 50 -10.81 3.58 38.47
CA SER A 50 -9.61 4.26 39.01
C SER A 50 -8.52 3.21 39.32
N TYR A 51 -7.31 3.69 39.44
CA TYR A 51 -6.19 2.91 39.96
C TYR A 51 -6.56 2.26 41.29
N THR A 52 -7.11 3.04 42.22
CA THR A 52 -7.44 2.46 43.57
C THR A 52 -8.58 1.42 43.49
N ALA A 53 -9.65 1.68 42.73
CA ALA A 53 -10.73 0.73 42.58
C ALA A 53 -10.24 -0.59 41.99
N ALA A 54 -9.29 -0.53 41.04
CA ALA A 54 -8.70 -1.71 40.47
C ALA A 54 -7.80 -2.40 41.49
N LEU A 55 -6.96 -1.62 42.17
CA LEU A 55 -6.02 -2.16 43.20
C LEU A 55 -6.80 -2.88 44.30
N GLU A 56 -8.02 -2.42 44.64
CA GLU A 56 -8.98 -3.10 45.56
C GLU A 56 -9.33 -4.54 45.16
N THR A 57 -9.46 -4.85 43.87
CA THR A 57 -10.05 -6.14 43.45
C THR A 57 -9.05 -7.07 42.77
N ALA A 58 -7.83 -6.57 42.48
CA ALA A 58 -6.78 -7.20 41.65
C ALA A 58 -6.24 -8.48 42.31
N ASN A 59 -6.08 -8.44 43.63
CA ASN A 59 -5.60 -9.60 44.41
C ASN A 59 -4.20 -10.03 43.93
N ILE A 60 -3.34 -9.02 43.73
CA ILE A 60 -1.90 -9.21 43.61
C ILE A 60 -1.26 -8.10 44.43
N PRO A 61 0.02 -8.24 44.84
CA PRO A 61 0.70 -7.18 45.58
C PRO A 61 0.69 -5.84 44.83
N GLU A 62 0.56 -4.76 45.61
CA GLU A 62 0.52 -3.41 45.07
C GLU A 62 1.80 -3.11 44.28
N LYS A 63 2.95 -3.64 44.72
CA LYS A 63 4.22 -3.45 43.97
C LYS A 63 4.06 -3.97 42.53
N ASP A 64 3.50 -5.17 42.40
CA ASP A 64 3.31 -5.84 41.09
C ASP A 64 2.25 -5.08 40.26
N PHE A 65 1.12 -4.73 40.89
CA PHE A 65 0.06 -4.00 40.22
C PHE A 65 0.59 -2.68 39.65
N SER A 66 1.39 -1.95 40.42
CA SER A 66 1.92 -0.67 40.02
C SER A 66 2.79 -0.81 38.74
N ASN A 67 3.66 -1.81 38.73
CA ASN A 67 4.49 -2.15 37.60
C ASN A 67 3.61 -2.46 36.38
N CYS A 68 2.58 -3.29 36.56
CA CYS A 68 1.71 -3.70 35.45
C CYS A 68 0.93 -2.50 34.92
N PHE A 69 0.44 -1.66 35.82
CA PHE A 69 -0.33 -0.52 35.39
C PHE A 69 0.55 0.43 34.54
N ARG A 70 1.79 0.71 35.01
CA ARG A 70 2.77 1.55 34.26
C ARG A 70 3.00 0.96 32.87
N PHE A 71 3.18 -0.34 32.80
CA PHE A 71 3.41 -1.07 31.57
C PHE A 71 2.23 -0.87 30.60
N LEU A 72 1.00 -1.08 31.09
CA LEU A 72 -0.19 -0.91 30.23
C LEU A 72 -0.34 0.54 29.79
N LYS A 73 -0.10 1.50 30.67
CA LYS A 73 -0.21 2.90 30.38
C LYS A 73 0.80 3.36 29.32
N GLU A 74 2.08 2.97 29.48
CA GLU A 74 3.14 3.53 28.64
C GLU A 74 3.02 3.01 27.20
N ASN A 75 2.24 1.94 27.01
CA ASN A 75 1.94 1.42 25.67
C ASN A 75 0.56 1.88 25.16
N PHE A 76 -0.15 2.72 25.92
CA PHE A 76 -1.53 3.16 25.59
C PHE A 76 -2.50 1.98 25.49
N PHE A 77 -2.23 0.89 26.24
CA PHE A 77 -3.15 -0.23 26.32
C PHE A 77 -4.33 0.10 27.26
N ILE A 78 -4.04 0.87 28.30
CA ILE A 78 -5.10 1.52 29.06
C ILE A 78 -5.03 3.02 28.77
N ILE A 79 -6.20 3.64 28.62
CA ILE A 79 -6.31 5.03 28.24
C ILE A 79 -7.31 5.70 29.14
N PRO A 80 -7.28 7.04 29.25
CA PRO A 80 -8.29 7.75 29.99
C PRO A 80 -9.68 7.36 29.48
N SER A 81 -10.61 7.12 30.42
CA SER A 81 -11.98 6.81 30.09
C SER A 81 -12.60 7.93 29.25
N GLU A 82 -12.17 9.17 29.56
CA GLU A 82 -12.45 10.45 28.80
C GLU A 82 -12.35 10.23 27.28
N TYR A 83 -11.39 9.42 26.85
CA TYR A 83 -11.03 9.28 25.42
C TYR A 83 -11.87 8.21 24.73
N ASN A 84 -12.83 7.61 25.43
CA ASN A 84 -13.62 6.52 24.88
C ASN A 84 -15.11 6.78 25.10
N ASN A 85 -15.81 7.38 24.14
CA ASN A 85 -17.15 7.94 24.41
C ASN A 85 -17.91 8.12 23.09
N ASN A 89 -23.98 5.01 15.33
CA ASN A 89 -23.34 5.75 16.41
C ASN A 89 -22.25 6.66 15.78
N ASN A 90 -21.04 6.13 15.51
CA ASN A 90 -19.90 6.96 15.00
C ASN A 90 -19.24 6.28 13.79
N ARG A 91 -19.42 6.88 12.62
CA ARG A 91 -18.92 6.28 11.34
C ARG A 91 -17.38 6.15 11.39
N TYR A 92 -16.71 7.02 12.15
CA TYR A 92 -15.23 7.03 12.27
C TYR A 92 -14.71 6.15 13.41
N SER A 93 -15.55 5.31 13.99
CA SER A 93 -15.20 4.64 15.26
C SER A 93 -13.94 3.76 15.10
N ARG A 94 -13.66 3.15 13.93
CA ARG A 94 -12.45 2.32 13.79
C ARG A 94 -11.20 3.21 13.75
N ASN A 95 -11.30 4.35 13.07
CA ASN A 95 -10.23 5.34 13.11
C ASN A 95 -10.00 5.82 14.56
N PHE A 96 -11.08 5.99 15.35
CA PHE A 96 -10.93 6.40 16.75
C PHE A 96 -10.05 5.40 17.53
N LEU A 97 -10.16 4.09 17.25
CA LEU A 97 -9.27 3.13 17.89
C LEU A 97 -7.81 3.39 17.52
N HIS A 98 -7.55 3.66 16.24
CA HIS A 98 -6.23 3.99 15.77
C HIS A 98 -5.68 5.22 16.56
N TYR A 99 -6.46 6.30 16.67
CA TYR A 99 -5.95 7.51 17.38
C TYR A 99 -5.69 7.20 18.87
N GLN A 100 -6.58 6.43 19.50
CA GLN A 100 -6.47 6.08 20.93
C GLN A 100 -5.18 5.32 21.16
N SER A 101 -4.83 4.45 20.20
CA SER A 101 -3.68 3.60 20.32
C SER A 101 -2.36 4.37 20.31
N TYR A 102 -2.37 5.66 19.94
CA TYR A 102 -1.20 6.54 20.02
C TYR A 102 -1.25 7.47 21.26
N GLY A 103 -2.24 7.31 22.14
CA GLY A 103 -2.35 8.13 23.34
C GLY A 103 -3.08 9.44 23.07
N ALA A 104 -3.83 9.49 21.96
CA ALA A 104 -4.54 10.70 21.54
C ALA A 104 -6.01 10.65 22.00
N ASN A 105 -6.60 11.83 22.19
CA ASN A 105 -8.06 12.00 22.31
C ASN A 105 -8.66 11.96 20.92
N PRO A 106 -9.39 10.89 20.52
CA PRO A 106 -9.85 10.71 19.15
C PRO A 106 -10.80 11.83 18.67
N VAL A 107 -11.58 12.39 19.59
CA VAL A 107 -12.52 13.47 19.20
C VAL A 107 -11.73 14.72 18.79
N LEU A 108 -10.60 15.02 19.45
CA LEU A 108 -9.81 16.22 19.05
C LEU A 108 -9.09 16.01 17.72
N VAL A 109 -8.59 14.79 17.46
CA VAL A 109 -8.06 14.50 16.14
C VAL A 109 -9.14 14.69 15.08
N GLN A 110 -10.32 14.13 15.32
CA GLN A 110 -11.39 14.15 14.32
C GLN A 110 -11.76 15.60 14.02
N ASP A 111 -11.74 16.46 15.05
CA ASP A 111 -12.08 17.84 14.91
C ASP A 111 -11.07 18.56 14.01
N LYS A 112 -9.79 18.22 14.12
CA LYS A 112 -8.79 18.80 13.27
C LYS A 112 -8.99 18.36 11.81
N LEU A 113 -9.39 17.09 11.59
CA LEU A 113 -9.61 16.63 10.23
C LEU A 113 -10.83 17.36 9.64
N LYS A 114 -11.89 17.47 10.42
CA LYS A 114 -13.11 18.14 9.99
C LYS A 114 -12.83 19.58 9.55
N ASN A 115 -11.91 20.27 10.23
CA ASN A 115 -11.67 21.71 10.00
C ASN A 115 -10.65 21.94 8.88
N ALA A 116 -10.06 20.86 8.35
CA ALA A 116 -8.98 20.91 7.36
C ALA A 116 -9.52 21.02 5.93
N LYS A 117 -8.67 21.61 5.08
CA LYS A 117 -8.85 21.71 3.65
C LYS A 117 -7.64 21.10 2.95
N VAL A 118 -7.89 20.16 2.03
CA VAL A 118 -6.83 19.55 1.30
C VAL A 118 -7.07 19.74 -0.21
N VAL A 119 -5.99 20.03 -0.96
CA VAL A 119 -5.98 20.09 -2.42
C VAL A 119 -5.40 18.78 -2.95
N ILE A 120 -6.13 18.16 -3.86
CA ILE A 120 -5.61 17.03 -4.65
C ILE A 120 -5.25 17.58 -6.03
N LEU A 121 -3.95 17.74 -6.27
CA LEU A 121 -3.45 18.24 -7.56
C LEU A 121 -3.07 17.02 -8.40
N GLY A 122 -4.02 16.62 -9.26
CA GLY A 122 -3.90 15.41 -10.04
C GLY A 122 -4.82 14.35 -9.49
N CYS A 123 -5.75 13.92 -10.34
CA CYS A 123 -6.88 13.02 -10.03
C CYS A 123 -6.78 11.71 -10.81
N GLY A 124 -5.56 11.19 -10.94
CA GLY A 124 -5.31 9.91 -11.54
C GLY A 124 -5.14 8.82 -10.49
N GLY A 125 -4.13 7.95 -10.68
CA GLY A 125 -4.01 6.78 -9.80
C GLY A 125 -3.80 7.17 -8.34
N ILE A 126 -2.80 8.00 -8.12
CA ILE A 126 -2.52 8.43 -6.76
C ILE A 126 -3.69 9.24 -6.21
N GLY A 127 -4.18 10.19 -7.00
CA GLY A 127 -5.24 11.08 -6.54
C GLY A 127 -6.51 10.35 -6.15
N ASN A 128 -6.90 9.34 -6.93
CA ASN A 128 -8.05 8.54 -6.63
C ASN A 128 -7.93 7.92 -5.23
N HIS A 129 -6.81 7.28 -4.96
CA HIS A 129 -6.67 6.51 -3.76
C HIS A 129 -6.52 7.41 -2.54
N VAL A 130 -5.78 8.51 -2.68
CA VAL A 130 -5.62 9.44 -1.55
C VAL A 130 -6.97 10.09 -1.24
N SER A 131 -7.64 10.63 -2.25
CA SER A 131 -8.90 11.35 -2.01
C SER A 131 -9.93 10.50 -1.25
N VAL A 132 -10.09 9.22 -1.59
CA VAL A 132 -11.13 8.44 -0.97
C VAL A 132 -10.74 8.13 0.49
N ILE A 133 -9.46 7.90 0.74
CA ILE A 133 -9.06 7.70 2.14
C ILE A 133 -9.39 8.96 2.94
N LEU A 134 -9.03 10.13 2.41
CA LEU A 134 -9.20 11.36 3.16
C LEU A 134 -10.70 11.62 3.36
N ALA A 135 -11.51 11.40 2.32
CA ALA A 135 -12.94 11.66 2.42
C ALA A 135 -13.55 10.75 3.49
N THR A 136 -13.18 9.46 3.48
CA THR A 136 -13.85 8.57 4.38
C THR A 136 -13.26 8.67 5.79
N SER A 137 -12.10 9.31 5.95
CA SER A 137 -11.54 9.64 7.26
C SER A 137 -12.08 10.98 7.79
N GLY A 138 -12.87 11.69 6.97
CA GLY A 138 -13.55 12.91 7.47
C GLY A 138 -12.78 14.21 7.32
N ILE A 139 -11.81 14.28 6.40
CA ILE A 139 -11.26 15.58 5.98
C ILE A 139 -12.43 16.43 5.43
N GLY A 140 -12.59 17.63 5.98
CA GLY A 140 -13.83 18.39 5.82
C GLY A 140 -14.02 18.95 4.42
N GLU A 141 -12.93 19.35 3.76
CA GLU A 141 -12.97 20.01 2.47
C GLU A 141 -11.87 19.50 1.56
N ILE A 142 -12.28 18.97 0.40
CA ILE A 142 -11.40 18.43 -0.58
C ILE A 142 -11.60 19.18 -1.92
N ILE A 143 -10.48 19.67 -2.49
CA ILE A 143 -10.48 20.40 -3.77
C ILE A 143 -9.76 19.53 -4.78
N LEU A 144 -10.47 19.13 -5.83
CA LEU A 144 -9.94 18.28 -6.87
C LEU A 144 -9.55 19.10 -8.09
N ILE A 145 -8.30 18.93 -8.54
CA ILE A 145 -7.75 19.64 -9.70
C ILE A 145 -7.23 18.66 -10.73
N ASP A 146 -7.79 18.77 -11.94
CA ASP A 146 -7.36 17.99 -13.09
C ASP A 146 -8.07 18.59 -14.29
N ASN A 147 -7.61 18.22 -15.48
CA ASN A 147 -8.30 18.64 -16.69
C ASN A 147 -8.47 17.45 -17.62
N ASP A 148 -8.23 16.23 -17.15
CA ASP A 148 -8.30 15.06 -18.01
C ASP A 148 -9.67 14.36 -18.00
N GLN A 149 -9.87 13.57 -19.03
CA GLN A 149 -11.02 12.69 -19.18
C GLN A 149 -10.62 11.24 -18.85
N ILE A 150 -11.60 10.47 -18.40
CA ILE A 150 -11.40 9.05 -18.07
C ILE A 150 -11.22 8.22 -19.34
N GLU A 151 -10.20 7.35 -19.33
CA GLU A 151 -9.96 6.39 -20.40
C GLU A 151 -10.04 4.97 -19.86
N ASN A 152 -10.27 4.01 -20.76
CA ASN A 152 -10.46 2.67 -20.31
C ASN A 152 -9.20 2.15 -19.59
N THR A 153 -8.00 2.53 -20.06
CA THR A 153 -6.74 2.02 -19.44
C THR A 153 -6.58 2.51 -17.99
N ASN A 154 -7.28 3.58 -17.63
CA ASN A 154 -7.22 4.14 -16.28
C ASN A 154 -7.81 3.20 -15.22
N LEU A 155 -8.66 2.25 -15.63
CA LEU A 155 -9.45 1.45 -14.67
C LEU A 155 -8.58 0.45 -13.88
N THR A 156 -7.34 0.20 -14.32
CA THR A 156 -6.45 -0.69 -13.53
C THR A 156 -6.12 -0.14 -12.13
N ARG A 157 -5.98 1.18 -11.98
CA ARG A 157 -5.50 1.87 -10.75
C ARG A 157 -6.52 2.86 -10.15
N GLN A 158 -7.39 3.44 -11.02
CA GLN A 158 -8.15 4.64 -10.68
C GLN A 158 -9.52 4.17 -10.20
N VAL A 159 -9.51 3.77 -8.92
CA VAL A 159 -10.47 2.87 -8.32
C VAL A 159 -11.87 3.48 -8.27
N LEU A 160 -11.99 4.81 -8.30
CA LEU A 160 -13.31 5.39 -8.23
C LEU A 160 -14.05 5.42 -9.58
N PHE A 161 -13.38 4.96 -10.65
CA PHE A 161 -13.93 5.03 -12.00
C PHE A 161 -14.46 3.66 -12.43
N SER A 162 -15.58 3.68 -13.14
CA SER A 162 -16.22 2.46 -13.73
C SER A 162 -16.21 2.56 -15.27
N GLU A 163 -16.56 1.45 -15.93
CA GLU A 163 -16.58 1.44 -17.36
C GLU A 163 -17.52 2.51 -17.88
N ASP A 164 -18.65 2.70 -17.19
CA ASP A 164 -19.70 3.66 -17.59
C ASP A 164 -19.19 5.09 -17.52
N ASP A 165 -18.02 5.29 -16.89
CA ASP A 165 -17.48 6.64 -16.67
C ASP A 165 -16.51 7.05 -17.79
N VAL A 166 -16.13 6.13 -18.72
CA VAL A 166 -15.15 6.44 -19.71
C VAL A 166 -15.66 7.62 -20.54
N GLY A 167 -14.80 8.64 -20.70
CA GLY A 167 -15.10 9.86 -21.45
C GLY A 167 -15.51 11.03 -20.56
N LYS A 168 -15.91 10.76 -19.32
CA LYS A 168 -16.33 11.80 -18.39
C LYS A 168 -15.07 12.44 -17.78
N ASN A 169 -15.27 13.58 -17.12
CA ASN A 169 -14.15 14.31 -16.52
C ASN A 169 -13.78 13.60 -15.22
N LYS A 170 -12.48 13.51 -14.93
CA LYS A 170 -12.04 12.88 -13.68
C LYS A 170 -12.54 13.62 -12.44
N THR A 171 -12.47 14.96 -12.42
CA THR A 171 -12.86 15.66 -11.20
C THR A 171 -14.33 15.39 -10.90
N GLU A 172 -15.19 15.30 -11.93
CA GLU A 172 -16.62 15.20 -11.71
C GLU A 172 -16.96 13.79 -11.17
N VAL A 173 -16.28 12.75 -11.66
CA VAL A 173 -16.55 11.43 -11.16
C VAL A 173 -15.95 11.21 -9.77
N ILE A 174 -14.73 11.67 -9.52
CA ILE A 174 -14.20 11.60 -8.15
C ILE A 174 -15.18 12.29 -7.19
N LYS A 175 -15.64 13.49 -7.53
CA LYS A 175 -16.53 14.20 -6.62
C LYS A 175 -17.78 13.37 -6.35
N ARG A 176 -18.38 12.79 -7.40
CA ARG A 176 -19.63 12.02 -7.22
C ARG A 176 -19.36 10.84 -6.27
N GLU A 177 -18.23 10.16 -6.48
CA GLU A 177 -17.93 8.94 -5.75
C GLU A 177 -17.53 9.23 -4.29
N LEU A 178 -16.88 10.38 -4.05
CA LEU A 178 -16.49 10.77 -2.72
C LEU A 178 -17.75 11.08 -1.92
N LEU A 179 -18.69 11.81 -2.53
CA LEU A 179 -19.90 12.22 -1.81
C LEU A 179 -20.84 11.01 -1.64
N LYS A 180 -20.72 9.98 -2.48
CA LYS A 180 -21.51 8.77 -2.22
C LYS A 180 -21.01 8.03 -0.98
N ARG A 181 -19.70 8.20 -0.68
CA ARG A 181 -19.04 7.53 0.42
C ARG A 181 -19.10 8.32 1.72
N ASN A 182 -19.04 9.64 1.63
CA ASN A 182 -19.17 10.50 2.81
C ASN A 182 -19.90 11.81 2.41
N SER A 183 -21.17 11.88 2.74
CA SER A 183 -21.98 13.00 2.32
C SER A 183 -21.88 14.15 3.33
N GLU A 184 -21.07 13.98 4.38
CA GLU A 184 -20.89 14.97 5.46
C GLU A 184 -19.76 15.97 5.11
N ILE A 185 -18.99 15.74 4.03
CA ILE A 185 -17.87 16.59 3.69
C ILE A 185 -18.21 17.48 2.50
N SER A 186 -17.30 18.40 2.19
CA SER A 186 -17.42 19.35 1.08
C SER A 186 -16.37 19.01 0.02
N VAL A 187 -16.78 18.92 -1.25
CA VAL A 187 -15.86 18.66 -2.36
C VAL A 187 -16.13 19.68 -3.46
N SER A 188 -15.07 20.25 -4.02
CA SER A 188 -15.15 21.17 -5.14
C SER A 188 -14.10 20.77 -6.19
N GLU A 189 -14.33 21.21 -7.44
CA GLU A 189 -13.53 20.87 -8.57
C GLU A 189 -12.92 22.14 -9.17
N ILE A 190 -11.72 22.03 -9.72
CA ILE A 190 -11.07 23.07 -10.54
C ILE A 190 -10.51 22.39 -11.80
N ALA A 191 -10.96 22.82 -13.00
CA ALA A 191 -10.47 22.29 -14.26
C ALA A 191 -9.21 23.06 -14.68
N LEU A 192 -8.04 22.46 -14.49
CA LEU A 192 -6.81 23.17 -14.69
C LEU A 192 -5.71 22.18 -15.03
N ASN A 193 -4.92 22.53 -16.04
CA ASN A 193 -3.67 21.89 -16.35
C ASN A 193 -2.55 22.88 -16.05
N ILE A 194 -1.71 22.57 -15.07
CA ILE A 194 -0.55 23.39 -14.82
C ILE A 194 0.54 23.05 -15.84
N ASN A 195 0.57 23.84 -16.91
CA ASN A 195 1.57 23.67 -17.99
C ASN A 195 2.63 24.79 -17.97
N ASP A 196 2.47 25.79 -17.09
CA ASP A 196 3.49 26.78 -16.82
C ASP A 196 3.52 27.04 -15.32
N TYR A 197 4.67 27.49 -14.82
CA TYR A 197 4.84 27.80 -13.42
C TYR A 197 3.73 28.73 -12.89
N THR A 198 3.38 29.72 -13.70
CA THR A 198 2.46 30.77 -13.31
C THR A 198 1.02 30.26 -13.05
N ASP A 199 0.66 29.12 -13.63
CA ASP A 199 -0.66 28.53 -13.38
C ASP A 199 -0.84 28.11 -11.91
N LEU A 200 0.24 27.94 -11.14
CA LEU A 200 0.14 27.55 -9.71
C LEU A 200 -0.53 28.64 -8.88
N HIS A 201 -0.55 29.88 -9.37
CA HIS A 201 -1.30 30.96 -8.73
C HIS A 201 -2.82 30.66 -8.71
N LYS A 202 -3.30 29.75 -9.57
CA LYS A 202 -4.73 29.41 -9.65
C LYS A 202 -5.10 28.33 -8.63
N VAL A 203 -4.10 27.77 -7.93
CA VAL A 203 -4.36 26.68 -6.99
C VAL A 203 -4.57 27.28 -5.60
N PRO A 204 -5.73 27.05 -4.96
CA PRO A 204 -6.03 27.65 -3.67
C PRO A 204 -5.08 27.20 -2.55
N GLU A 205 -4.84 28.11 -1.60
CA GLU A 205 -4.20 27.81 -0.34
C GLU A 205 -5.02 26.72 0.36
N ALA A 206 -4.34 25.87 1.14
CA ALA A 206 -4.99 24.83 1.91
C ALA A 206 -4.07 24.40 3.05
N ASP A 207 -4.57 23.52 3.91
CA ASP A 207 -3.75 22.97 5.01
C ASP A 207 -2.54 22.23 4.43
N ILE A 208 -2.74 21.52 3.31
CA ILE A 208 -1.70 20.79 2.59
C ILE A 208 -2.18 20.53 1.15
N TRP A 209 -1.23 20.56 0.22
CA TRP A 209 -1.42 20.07 -1.11
C TRP A 209 -0.91 18.63 -1.21
N VAL A 210 -1.73 17.79 -1.85
CA VAL A 210 -1.31 16.52 -2.28
C VAL A 210 -0.90 16.67 -3.74
N VAL A 211 0.38 16.45 -4.02
CA VAL A 211 0.92 16.68 -5.34
C VAL A 211 1.03 15.32 -6.04
N SER A 212 -0.01 15.05 -6.83
CA SER A 212 -0.25 13.75 -7.46
C SER A 212 -0.43 13.94 -8.98
N ALA A 213 0.34 14.88 -9.54
CA ALA A 213 0.39 15.25 -10.95
C ALA A 213 1.85 15.22 -11.34
N ASP A 214 2.12 14.94 -12.62
CA ASP A 214 3.44 14.47 -13.02
C ASP A 214 3.92 14.97 -14.40
N HIS A 215 3.25 15.95 -15.02
CA HIS A 215 3.65 16.55 -16.29
C HIS A 215 3.79 18.05 -16.13
N PRO A 216 4.91 18.64 -16.58
CA PRO A 216 6.10 17.99 -17.11
C PRO A 216 6.97 17.35 -16.03
N PHE A 217 8.12 16.80 -16.43
CA PHE A 217 9.03 16.15 -15.52
C PHE A 217 9.42 17.14 -14.41
N ASN A 218 9.39 18.45 -14.67
CA ASN A 218 9.85 19.42 -13.65
C ASN A 218 8.65 20.10 -12.95
N LEU A 219 7.45 19.51 -13.05
CA LEU A 219 6.32 20.09 -12.31
C LEU A 219 6.65 20.10 -10.82
N ILE A 220 7.25 19.01 -10.36
CA ILE A 220 7.55 18.90 -8.94
C ILE A 220 8.47 20.07 -8.54
N ASN A 221 9.39 20.42 -9.43
CA ASN A 221 10.32 21.57 -9.14
C ASN A 221 9.56 22.89 -9.05
N TRP A 222 8.60 23.09 -9.96
CA TRP A 222 7.75 24.25 -9.93
C TRP A 222 6.96 24.30 -8.62
N VAL A 223 6.32 23.17 -8.30
CA VAL A 223 5.44 23.12 -7.11
C VAL A 223 6.26 23.44 -5.86
N ASN A 224 7.44 22.84 -5.76
CA ASN A 224 8.31 23.00 -4.66
C ASN A 224 8.63 24.49 -4.49
N LYS A 225 9.10 25.14 -5.56
CA LYS A 225 9.50 26.56 -5.49
C LYS A 225 8.30 27.42 -5.08
N TYR A 226 7.14 27.18 -5.72
CA TYR A 226 5.93 27.93 -5.44
C TYR A 226 5.54 27.77 -3.97
N CYS A 227 5.61 26.53 -3.43
CA CYS A 227 5.14 26.26 -2.07
C CYS A 227 6.09 26.85 -1.04
N VAL A 228 7.38 26.84 -1.32
CA VAL A 228 8.34 27.54 -0.45
C VAL A 228 7.98 29.02 -0.42
N ARG A 229 7.78 29.62 -1.61
CA ARG A 229 7.49 31.08 -1.68
C ARG A 229 6.15 31.41 -1.02
N ALA A 230 5.17 30.51 -1.18
CA ALA A 230 3.79 30.76 -0.67
C ALA A 230 3.54 30.26 0.77
N ASN A 231 4.52 29.67 1.45
CA ASN A 231 4.33 29.14 2.81
C ASN A 231 3.26 28.04 2.83
N GLN A 232 3.27 27.17 1.81
CA GLN A 232 2.22 26.15 1.57
C GLN A 232 2.82 24.76 1.80
N PRO A 233 2.38 24.01 2.81
CA PRO A 233 2.82 22.62 2.96
C PRO A 233 2.36 21.76 1.77
N TYR A 234 3.17 20.76 1.39
CA TYR A 234 2.76 19.80 0.37
C TYR A 234 3.38 18.43 0.66
N ILE A 235 2.80 17.40 0.05
CA ILE A 235 3.41 16.11 0.02
C ILE A 235 3.34 15.56 -1.41
N ASN A 236 4.45 15.00 -1.87
CA ASN A 236 4.48 14.36 -3.21
C ASN A 236 4.31 12.85 -3.02
N ALA A 237 3.69 12.16 -4.00
CA ALA A 237 3.71 10.70 -3.98
C ALA A 237 3.56 10.21 -5.41
N GLY A 238 3.96 8.96 -5.62
CA GLY A 238 3.83 8.35 -6.90
C GLY A 238 4.72 7.13 -6.98
N TYR A 239 5.35 6.94 -8.14
CA TYR A 239 6.15 5.75 -8.39
C TYR A 239 7.16 6.07 -9.48
N VAL A 240 8.29 5.37 -9.41
CA VAL A 240 9.21 5.29 -10.47
C VAL A 240 9.13 3.84 -10.95
N ASN A 241 8.35 3.63 -12.03
CA ASN A 241 8.00 2.30 -12.49
C ASN A 241 7.51 1.47 -11.29
N ASP A 242 8.25 0.41 -10.92
CA ASP A 242 7.84 -0.59 -9.94
C ASP A 242 8.19 -0.22 -8.49
N ILE A 243 8.76 0.97 -8.25
CA ILE A 243 9.04 1.47 -6.90
C ILE A 243 7.98 2.48 -6.50
N ALA A 244 7.29 2.20 -5.40
CA ALA A 244 6.31 3.14 -4.81
C ALA A 244 7.10 4.23 -4.08
N VAL A 245 6.75 5.49 -4.29
CA VAL A 245 7.45 6.62 -3.65
C VAL A 245 6.45 7.51 -2.89
N PHE A 246 6.81 7.91 -1.67
CA PHE A 246 6.02 8.98 -1.04
C PHE A 246 6.98 9.84 -0.26
N GLY A 247 6.58 11.08 -0.11
CA GLY A 247 7.46 12.10 0.38
C GLY A 247 8.21 12.82 -0.74
N PRO A 248 8.82 13.98 -0.44
CA PRO A 248 8.82 14.53 0.91
C PRO A 248 7.51 15.20 1.31
N LEU A 249 7.31 15.34 2.62
CA LEU A 249 6.28 16.17 3.19
C LEU A 249 6.97 17.47 3.59
N TYR A 250 6.74 18.51 2.78
CA TYR A 250 7.38 19.83 2.93
C TYR A 250 6.53 20.65 3.90
N VAL A 251 7.17 21.10 4.98
CA VAL A 251 6.53 21.99 5.95
C VAL A 251 7.35 23.26 6.05
N PRO A 252 6.80 24.44 5.69
CA PRO A 252 7.54 25.71 5.72
C PRO A 252 8.34 25.93 7.01
N GLY A 253 9.64 26.17 6.84
CA GLY A 253 10.53 26.54 7.92
C GLY A 253 10.95 25.40 8.82
N LYS A 254 10.57 24.16 8.49
CA LYS A 254 10.69 22.99 9.38
C LYS A 254 11.43 21.84 8.67
N THR A 255 10.94 21.43 7.50
CA THR A 255 11.59 20.35 6.82
C THR A 255 12.39 20.86 5.64
N GLY A 256 13.20 19.97 5.07
CA GLY A 256 13.84 20.25 3.79
C GLY A 256 12.81 20.36 2.68
N CYS A 257 13.22 20.99 1.57
CA CYS A 257 12.42 21.01 0.36
C CYS A 257 13.00 19.99 -0.63
N TYR A 258 12.34 19.82 -1.77
CA TYR A 258 12.73 18.86 -2.80
C TYR A 258 14.17 19.08 -3.31
N GLU A 259 14.68 20.32 -3.19
CA GLU A 259 16.02 20.66 -3.79
C GLU A 259 17.12 20.81 -2.72
N CYS A 260 16.77 20.65 -1.45
CA CYS A 260 17.78 20.87 -0.40
C CYS A 260 18.98 19.95 -0.60
N GLN A 261 18.70 18.64 -0.77
CA GLN A 261 19.73 17.64 -0.96
C GLN A 261 19.68 17.20 -2.42
N LYS A 262 20.81 16.81 -2.95
CA LYS A 262 20.95 16.67 -4.39
C LYS A 262 21.01 15.19 -4.74
N VAL A 263 19.92 14.48 -4.47
CA VAL A 263 19.88 13.05 -4.56
C VAL A 263 19.17 12.65 -5.87
N VAL A 264 18.12 13.37 -6.23
CA VAL A 264 17.34 13.00 -7.43
C VAL A 264 17.96 13.72 -8.64
N ALA A 265 18.03 13.03 -9.80
CA ALA A 265 18.53 13.66 -11.04
C ALA A 265 17.69 14.91 -11.33
N ASP A 266 18.31 15.98 -11.80
CA ASP A 266 17.50 17.10 -12.30
C ASP A 266 17.84 17.49 -13.74
N LEU A 267 18.92 16.97 -14.32
CA LEU A 267 19.16 17.19 -15.76
C LEU A 267 18.67 15.97 -16.55
N TYR A 268 17.49 16.10 -17.14
CA TYR A 268 16.92 15.10 -18.05
C TYR A 268 17.36 15.51 -19.47
N GLY A 269 18.67 15.34 -19.72
CA GLY A 269 19.25 15.87 -20.90
C GLY A 269 20.75 15.72 -20.88
N ALA A 270 21.42 16.37 -21.86
CA ALA A 270 22.89 16.35 -22.00
C ALA A 270 23.38 17.75 -22.36
N GLU A 271 24.65 18.01 -22.00
CA GLU A 271 25.39 19.24 -22.44
C GLU A 271 25.61 19.21 -23.96
N LYS A 272 25.57 18.02 -24.58
CA LYS A 272 25.71 17.86 -26.02
C LYS A 272 24.32 17.93 -26.67
N GLU A 273 24.09 18.93 -27.52
CA GLU A 273 22.76 19.13 -28.11
C GLU A 273 22.28 17.88 -28.84
N ASN A 274 23.15 17.19 -29.59
CA ASN A 274 22.70 16.04 -30.38
C ASN A 274 22.12 14.99 -29.44
N ILE A 275 22.87 14.68 -28.38
CA ILE A 275 22.50 13.70 -27.39
C ILE A 275 21.26 14.20 -26.62
N ASP A 276 21.24 15.50 -26.32
CA ASP A 276 20.12 16.09 -25.57
C ASP A 276 18.79 15.86 -26.28
N HIS A 277 18.72 16.14 -27.59
CA HIS A 277 17.50 15.91 -28.35
C HIS A 277 17.09 14.43 -28.30
N LYS A 278 18.06 13.48 -28.33
CA LYS A 278 17.70 12.05 -28.24
C LYS A 278 17.09 11.73 -26.88
N ILE A 279 17.70 12.23 -25.82
CA ILE A 279 17.21 12.07 -24.47
C ILE A 279 15.78 12.63 -24.33
N LYS A 280 15.57 13.85 -24.84
CA LYS A 280 14.26 14.49 -24.69
C LYS A 280 13.19 13.69 -25.41
N LEU A 281 13.51 13.11 -26.58
CA LEU A 281 12.56 12.32 -27.27
C LEU A 281 12.20 11.08 -26.45
N ILE A 282 13.21 10.32 -26.00
CA ILE A 282 12.99 9.12 -25.21
C ILE A 282 12.15 9.47 -23.99
N ASN A 283 12.46 10.58 -23.31
CA ASN A 283 11.75 10.89 -22.05
C ASN A 283 10.33 11.39 -22.36
N SER A 284 10.14 12.01 -23.53
CA SER A 284 8.78 12.44 -23.91
C SER A 284 7.90 11.21 -24.19
N ARG A 285 8.50 10.15 -24.75
CA ARG A 285 7.77 8.92 -25.09
C ARG A 285 7.53 8.02 -23.85
N PHE A 286 8.19 8.35 -22.73
CA PHE A 286 8.15 7.57 -21.50
C PHE A 286 6.71 7.49 -20.98
N LYS A 287 6.30 6.25 -20.74
CA LYS A 287 5.08 5.86 -20.04
C LYS A 287 5.50 4.92 -18.91
N PRO A 288 5.21 5.25 -17.64
CA PRO A 288 5.57 4.40 -16.53
C PRO A 288 4.99 2.99 -16.71
N ALA A 289 5.72 2.00 -16.24
CA ALA A 289 5.12 0.67 -16.15
C ALA A 289 4.21 0.62 -14.89
N THR A 290 3.00 1.23 -14.99
CA THR A 290 2.11 1.34 -13.78
C THR A 290 1.69 -0.09 -13.38
N PHE A 291 1.53 -0.31 -12.08
CA PHE A 291 0.97 -1.54 -11.56
C PHE A 291 0.12 -1.17 -10.33
N ALA A 292 -1.18 -1.52 -10.27
CA ALA A 292 -2.03 -1.00 -9.18
C ALA A 292 -1.38 -1.19 -7.81
N PRO A 293 -0.79 -2.36 -7.47
CA PRO A 293 -0.21 -2.54 -6.13
C PRO A 293 0.82 -1.46 -5.78
N VAL A 294 1.63 -1.03 -6.75
CA VAL A 294 2.66 0.03 -6.52
C VAL A 294 1.98 1.37 -6.26
N ASN A 295 1.04 1.69 -7.15
CA ASN A 295 0.24 2.87 -7.06
C ASN A 295 -0.38 2.96 -5.66
N ASN A 296 -1.06 1.87 -5.28
CA ASN A 296 -1.91 1.87 -4.07
C ASN A 296 -1.06 2.00 -2.80
N VAL A 297 0.15 1.41 -2.78
CA VAL A 297 1.05 1.53 -1.62
C VAL A 297 1.45 2.98 -1.43
N ALA A 298 1.86 3.62 -2.53
CA ALA A 298 2.32 5.00 -2.48
C ALA A 298 1.20 5.91 -1.99
N ALA A 299 0.03 5.71 -2.61
CA ALA A 299 -1.13 6.51 -2.26
C ALA A 299 -1.49 6.31 -0.78
N ALA A 300 -1.49 5.08 -0.30
CA ALA A 300 -1.89 4.76 1.06
C ALA A 300 -0.99 5.49 2.06
N LEU A 301 0.33 5.35 1.88
CA LEU A 301 1.23 5.93 2.82
C LEU A 301 1.24 7.47 2.72
N CYS A 302 0.98 8.02 1.53
CA CYS A 302 0.79 9.46 1.36
C CYS A 302 -0.42 9.93 2.19
N ALA A 303 -1.55 9.23 2.07
CA ALA A 303 -2.76 9.59 2.81
C ALA A 303 -2.48 9.53 4.33
N ALA A 304 -1.73 8.51 4.78
CA ALA A 304 -1.42 8.35 6.22
C ALA A 304 -0.70 9.60 6.72
N ASP A 305 0.29 10.04 5.96
CA ASP A 305 1.05 11.24 6.34
C ASP A 305 0.18 12.51 6.36
N VAL A 306 -0.78 12.66 5.44
CA VAL A 306 -1.72 13.80 5.48
C VAL A 306 -2.56 13.77 6.76
N ILE A 307 -3.12 12.60 7.10
CA ILE A 307 -3.94 12.44 8.30
C ILE A 307 -3.10 12.74 9.55
N LYS A 308 -1.86 12.27 9.58
CA LYS A 308 -1.00 12.55 10.76
C LYS A 308 -0.59 14.02 10.80
N PHE A 309 -0.30 14.61 9.63
CA PHE A 309 0.14 16.00 9.60
C PHE A 309 -0.98 16.88 10.19
N ILE A 310 -2.19 16.64 9.75
CA ILE A 310 -3.36 17.43 10.19
C ILE A 310 -3.76 17.03 11.61
N GLY A 311 -3.75 15.71 11.90
CA GLY A 311 -4.33 15.22 13.17
C GLY A 311 -3.42 15.35 14.38
N LYS A 312 -2.10 15.40 14.13
CA LYS A 312 -1.05 15.75 15.12
C LYS A 312 -0.86 14.67 16.20
N TYR A 313 -1.30 13.44 15.97
CA TYR A 313 -1.30 12.39 17.00
C TYR A 313 -0.05 11.52 16.89
N SER A 314 0.63 11.61 15.73
CA SER A 314 1.83 10.80 15.43
C SER A 314 2.58 11.49 14.30
N GLU A 315 3.89 11.33 14.25
CA GLU A 315 4.71 12.10 13.28
C GLU A 315 4.62 11.44 11.90
N PRO A 316 4.35 12.23 10.83
CA PRO A 316 4.40 11.69 9.46
C PRO A 316 5.77 11.05 9.16
N LEU A 317 5.77 9.94 8.42
CA LEU A 317 7.01 9.26 8.08
C LEU A 317 7.88 10.09 7.13
N SER A 318 7.26 10.90 6.23
CA SER A 318 8.00 11.50 5.13
C SER A 318 8.50 12.90 5.42
N LEU A 319 8.44 13.38 6.68
CA LEU A 319 9.18 14.61 7.01
C LEU A 319 10.65 14.40 6.63
N ASN A 320 11.22 15.27 5.81
CA ASN A 320 12.67 15.28 5.51
C ASN A 320 13.10 14.02 4.75
N LYS A 321 12.17 13.32 4.06
CA LYS A 321 12.48 12.02 3.46
C LYS A 321 11.65 11.80 2.20
N ARG A 322 12.26 11.21 1.17
CA ARG A 322 11.54 10.70 0.03
C ARG A 322 11.72 9.18 0.09
N ILE A 323 10.63 8.44 0.36
CA ILE A 323 10.70 7.05 0.75
C ILE A 323 10.27 6.16 -0.43
N GLY A 324 11.09 5.17 -0.77
CA GLY A 324 10.76 4.18 -1.78
C GLY A 324 10.48 2.84 -1.15
N ILE A 325 9.44 2.16 -1.66
CA ILE A 325 9.13 0.82 -1.34
C ILE A 325 9.18 0.00 -2.63
N TRP A 326 10.09 -0.97 -2.68
CA TRP A 326 10.31 -1.80 -3.85
C TRP A 326 9.15 -2.78 -3.94
N SER A 327 8.80 -3.23 -5.15
CA SER A 327 7.78 -4.24 -5.29
C SER A 327 8.39 -5.55 -5.81
N ASP A 328 9.63 -5.52 -6.33
CA ASP A 328 10.18 -6.82 -6.83
C ASP A 328 11.19 -7.41 -5.86
N GLU A 329 11.40 -6.74 -4.74
CA GLU A 329 12.13 -7.32 -3.63
C GLU A 329 11.67 -6.61 -2.35
N ILE A 330 12.04 -7.18 -1.21
CA ILE A 330 11.69 -6.63 0.08
C ILE A 330 12.68 -5.51 0.40
N LYS A 331 12.23 -4.25 0.33
CA LYS A 331 13.14 -3.13 0.52
C LYS A 331 12.35 -1.83 0.72
N ILE A 332 12.68 -1.09 1.79
CA ILE A 332 12.21 0.28 1.95
C ILE A 332 13.44 1.13 2.23
N HIS A 333 13.64 2.16 1.43
CA HIS A 333 14.81 3.04 1.47
C HIS A 333 14.37 4.51 1.48
N SER A 334 14.99 5.34 2.34
CA SER A 334 14.68 6.77 2.44
C SER A 334 15.84 7.56 1.81
N GLN A 335 15.52 8.52 0.95
CA GLN A 335 16.46 9.52 0.53
C GLN A 335 16.34 10.70 1.50
N ASN A 336 17.47 11.15 2.02
CA ASN A 336 17.50 12.23 2.97
C ASN A 336 17.16 13.53 2.24
N MET A 337 16.08 14.20 2.65
CA MET A 337 15.76 15.54 2.17
C MET A 337 15.63 16.52 3.36
N GLY A 338 16.55 16.41 4.32
CA GLY A 338 16.65 17.38 5.42
C GLY A 338 17.06 18.76 4.94
N ARG A 339 16.80 19.76 5.77
CA ARG A 339 17.00 21.17 5.41
C ARG A 339 18.49 21.41 5.17
N SER A 340 18.82 22.15 4.10
CA SER A 340 20.20 22.63 3.90
C SER A 340 20.20 24.13 4.12
N PRO A 341 21.13 24.70 4.93
CA PRO A 341 21.19 26.15 5.12
C PRO A 341 21.64 26.91 3.86
N VAL A 342 22.08 26.13 2.87
CA VAL A 342 22.65 26.58 1.61
C VAL A 342 21.73 26.21 0.43
N CYS A 343 20.49 25.79 0.73
CA CYS A 343 19.52 25.47 -0.33
C CYS A 343 19.24 26.73 -1.14
N SER A 344 19.41 26.68 -2.47
CA SER A 344 19.17 27.87 -3.29
C SER A 344 17.67 28.23 -3.31
N VAL A 345 16.79 27.28 -2.94
CA VAL A 345 15.36 27.55 -2.95
C VAL A 345 14.89 28.05 -1.57
N CYS A 346 15.15 27.29 -0.51
CA CYS A 346 14.47 27.50 0.75
C CYS A 346 15.44 27.96 1.87
N GLY A 347 16.73 28.05 1.60
CA GLY A 347 17.70 28.45 2.60
C GLY A 347 17.26 29.70 3.37
N ASN A 348 17.45 29.66 4.70
CA ASN A 348 17.07 30.69 5.73
C ASN A 348 15.88 31.54 5.30
N MET B 1 12.55 -11.45 -34.83
CA MET B 1 13.91 -10.82 -35.04
C MET B 1 13.96 -9.40 -34.46
N ASP B 2 12.87 -8.65 -34.63
CA ASP B 2 12.92 -7.21 -34.42
C ASP B 2 12.78 -6.89 -32.92
N TYR B 3 13.52 -5.87 -32.47
CA TYR B 3 13.41 -5.34 -31.13
C TYR B 3 12.82 -3.92 -31.16
N ILE B 4 12.23 -3.51 -30.03
CA ILE B 4 11.76 -2.16 -29.86
C ILE B 4 12.12 -1.67 -28.45
N LEU B 5 12.34 -0.35 -28.30
CA LEU B 5 12.57 0.24 -26.97
C LEU B 5 11.28 0.22 -26.19
N GLY B 6 11.33 -0.27 -24.96
CA GLY B 6 10.16 -0.22 -24.11
C GLY B 6 9.79 1.20 -23.77
N ARG B 7 8.50 1.44 -23.58
CA ARG B 7 8.06 2.84 -23.34
C ARG B 7 8.37 3.25 -21.90
N TYR B 8 8.73 2.28 -21.05
CA TYR B 8 9.05 2.50 -19.62
C TYR B 8 10.54 2.86 -19.40
N VAL B 9 11.33 3.08 -20.46
CA VAL B 9 12.71 3.53 -20.27
C VAL B 9 12.75 5.07 -20.25
N LYS B 10 13.54 5.56 -19.30
CA LYS B 10 13.76 6.95 -19.09
C LYS B 10 15.25 7.12 -18.83
N ILE B 11 15.73 8.33 -19.07
CA ILE B 11 17.17 8.54 -18.98
C ILE B 11 17.47 9.93 -18.42
N ALA B 12 18.54 9.99 -17.61
CA ALA B 12 18.93 11.23 -16.95
C ALA B 12 20.46 11.26 -16.84
N ARG B 13 21.02 12.45 -17.02
CA ARG B 13 22.42 12.72 -16.65
C ARG B 13 22.57 12.64 -15.13
N TYR B 14 23.68 12.06 -14.67
CA TYR B 14 23.91 11.80 -13.26
C TYR B 14 25.38 11.49 -13.02
N GLY B 15 25.98 12.12 -12.01
CA GLY B 15 27.40 11.81 -11.71
C GLY B 15 28.29 12.02 -12.93
N SER B 16 29.13 11.02 -13.22
CA SER B 16 30.12 11.03 -14.32
C SER B 16 29.50 10.65 -15.66
N GLY B 17 28.38 9.93 -15.61
CA GLY B 17 27.70 9.52 -16.82
C GLY B 17 26.21 9.77 -16.67
N GLY B 18 25.43 8.70 -16.53
CA GLY B 18 24.03 8.88 -16.27
C GLY B 18 23.30 7.61 -15.95
N LEU B 19 22.00 7.78 -15.75
CA LEU B 19 21.05 6.72 -15.40
C LEU B 19 20.33 6.26 -16.67
N VAL B 20 20.11 4.95 -16.76
CA VAL B 20 19.22 4.37 -17.75
C VAL B 20 18.22 3.50 -17.00
N GLY B 21 16.92 3.82 -17.14
CA GLY B 21 15.90 3.02 -16.55
C GLY B 21 15.35 3.66 -15.29
N GLY B 22 14.13 3.27 -14.94
CA GLY B 22 13.49 3.67 -13.72
C GLY B 22 13.00 2.46 -12.95
N GLY B 23 12.98 2.59 -11.62
CA GLY B 23 12.52 1.54 -10.74
C GLY B 23 13.64 0.59 -10.36
N GLY B 24 13.32 -0.68 -10.13
CA GLY B 24 14.26 -1.63 -9.60
C GLY B 24 15.40 -1.91 -10.56
N LYS B 25 15.20 -1.66 -11.87
CA LYS B 25 16.23 -1.94 -12.85
C LYS B 25 17.00 -0.68 -13.25
N GLU B 26 16.77 0.44 -12.57
CA GLU B 26 17.56 1.65 -12.81
C GLU B 26 19.06 1.30 -12.77
N GLN B 27 19.79 1.67 -13.83
CA GLN B 27 21.22 1.40 -13.88
C GLN B 27 22.00 2.70 -14.00
N TYR B 28 23.15 2.78 -13.31
CA TYR B 28 24.08 3.89 -13.46
C TYR B 28 25.25 3.44 -14.35
N VAL B 29 25.51 4.22 -15.40
CA VAL B 29 26.66 3.92 -16.24
C VAL B 29 27.68 5.05 -16.05
N GLU B 30 28.85 4.65 -15.54
CA GLU B 30 29.82 5.59 -15.00
C GLU B 30 30.69 6.22 -16.09
N ASN B 31 30.74 5.55 -17.25
CA ASN B 31 31.50 5.98 -18.40
C ASN B 31 30.62 6.86 -19.31
N LEU B 32 30.92 8.15 -19.44
CA LEU B 32 30.07 9.07 -20.22
C LEU B 32 29.95 8.60 -21.67
N VAL B 33 31.08 8.19 -22.27
CA VAL B 33 31.09 7.73 -23.67
C VAL B 33 30.05 6.61 -23.79
N LEU B 34 30.13 5.63 -22.86
CA LEU B 34 29.28 4.46 -22.98
C LEU B 34 27.80 4.84 -22.79
N TRP B 35 27.53 5.76 -21.87
CA TRP B 35 26.16 6.20 -21.59
C TRP B 35 25.58 6.87 -22.83
N GLU B 36 26.40 7.74 -23.48
CA GLU B 36 25.97 8.44 -24.73
C GLU B 36 25.73 7.39 -25.81
N ASN B 37 26.60 6.37 -25.87
CA ASN B 37 26.41 5.34 -26.86
C ASN B 37 25.15 4.51 -26.59
N ILE B 38 24.81 4.29 -25.33
CA ILE B 38 23.61 3.55 -25.01
C ILE B 38 22.38 4.35 -25.48
N ILE B 39 22.40 5.66 -25.28
CA ILE B 39 21.34 6.56 -25.75
C ILE B 39 21.25 6.45 -27.29
N LYS B 40 22.40 6.53 -27.97
CA LYS B 40 22.40 6.44 -29.42
C LYS B 40 21.77 5.12 -29.86
N THR B 41 22.12 4.03 -29.16
CA THR B 41 21.66 2.71 -29.49
C THR B 41 20.13 2.62 -29.29
N ALA B 42 19.65 3.08 -28.11
CA ALA B 42 18.28 3.07 -27.74
C ALA B 42 17.42 3.82 -28.77
N TYR B 43 17.93 4.99 -29.20
CA TYR B 43 17.27 5.83 -30.24
C TYR B 43 17.02 5.04 -31.54
N CYS B 44 17.91 4.10 -31.88
CA CYS B 44 17.74 3.24 -33.09
C CYS B 44 16.52 2.30 -32.98
N PHE B 45 15.99 2.10 -31.77
CA PHE B 45 14.93 1.11 -31.53
C PHE B 45 13.61 1.78 -31.15
N ILE B 46 13.46 3.08 -31.40
CA ILE B 46 12.21 3.74 -31.13
C ILE B 46 11.07 3.14 -31.97
N THR B 47 11.38 2.82 -33.22
CA THR B 47 10.56 1.95 -34.06
C THR B 47 11.29 0.62 -34.17
N PRO B 48 10.57 -0.50 -34.38
CA PRO B 48 11.20 -1.82 -34.37
C PRO B 48 12.34 -1.96 -35.38
N SER B 49 13.43 -2.62 -34.99
CA SER B 49 14.45 -3.02 -35.97
C SER B 49 15.26 -4.20 -35.45
N SER B 50 15.98 -4.85 -36.37
CA SER B 50 16.85 -5.96 -36.04
C SER B 50 18.16 -5.42 -35.48
N TYR B 51 18.97 -6.34 -34.93
CA TYR B 51 20.31 -6.05 -34.46
C TYR B 51 21.12 -5.52 -35.66
N THR B 52 21.04 -6.27 -36.77
CA THR B 52 21.82 -5.96 -38.00
C THR B 52 21.43 -4.58 -38.55
N ALA B 53 20.13 -4.32 -38.74
CA ALA B 53 19.63 -3.01 -39.31
C ALA B 53 20.07 -1.82 -38.43
N ALA B 54 20.00 -1.99 -37.11
CA ALA B 54 20.39 -0.96 -36.16
C ALA B 54 21.92 -0.79 -36.11
N LEU B 55 22.68 -1.87 -36.29
CA LEU B 55 24.15 -1.73 -36.27
C LEU B 55 24.56 -0.76 -37.41
N GLU B 56 23.88 -0.85 -38.55
CA GLU B 56 24.16 0.04 -39.71
C GLU B 56 23.75 1.48 -39.37
N THR B 57 22.52 1.71 -38.89
CA THR B 57 22.04 3.10 -38.65
C THR B 57 22.87 3.78 -37.55
N ALA B 58 23.24 3.06 -36.48
CA ALA B 58 24.07 3.66 -35.45
C ALA B 58 25.44 3.95 -36.09
N ASN B 59 26.09 5.02 -35.64
CA ASN B 59 27.35 5.40 -36.27
C ASN B 59 28.50 5.08 -35.31
N ILE B 60 28.51 3.87 -34.72
CA ILE B 60 29.53 3.57 -33.70
C ILE B 60 30.12 2.20 -33.94
N PRO B 61 31.34 1.89 -33.44
CA PRO B 61 31.96 0.58 -33.69
C PRO B 61 31.10 -0.59 -33.19
N GLU B 62 31.08 -1.70 -33.96
CA GLU B 62 30.29 -2.88 -33.59
C GLU B 62 30.63 -3.30 -32.15
N LYS B 63 31.89 -3.14 -31.73
CA LYS B 63 32.26 -3.55 -30.38
C LYS B 63 31.40 -2.78 -29.35
N ASP B 64 31.23 -1.47 -29.59
CA ASP B 64 30.55 -0.59 -28.67
C ASP B 64 29.05 -0.82 -28.79
N PHE B 65 28.57 -0.96 -30.03
CA PHE B 65 27.18 -1.22 -30.30
C PHE B 65 26.76 -2.52 -29.61
N SER B 66 27.60 -3.55 -29.71
CA SER B 66 27.34 -4.85 -29.07
C SER B 66 27.16 -4.69 -27.55
N ASN B 67 28.08 -3.96 -26.91
CA ASN B 67 28.00 -3.68 -25.49
C ASN B 67 26.66 -3.00 -25.16
N CYS B 68 26.26 -2.01 -25.98
CA CYS B 68 25.05 -1.22 -25.69
C CYS B 68 23.81 -2.10 -25.89
N PHE B 69 23.81 -2.85 -26.97
CA PHE B 69 22.68 -3.70 -27.27
C PHE B 69 22.49 -4.75 -26.18
N ARG B 70 23.58 -5.39 -25.74
CA ARG B 70 23.46 -6.41 -24.70
C ARG B 70 22.94 -5.79 -23.38
N PHE B 71 23.41 -4.58 -23.04
CA PHE B 71 22.99 -3.86 -21.85
C PHE B 71 21.47 -3.61 -21.90
N LEU B 72 21.00 -3.10 -23.03
CA LEU B 72 19.59 -2.79 -23.20
C LEU B 72 18.75 -4.06 -23.11
N LYS B 73 19.20 -5.11 -23.79
CA LYS B 73 18.48 -6.37 -23.83
C LYS B 73 18.39 -7.05 -22.45
N GLU B 74 19.50 -7.12 -21.72
CA GLU B 74 19.52 -7.91 -20.50
C GLU B 74 18.71 -7.24 -19.38
N ASN B 75 18.39 -5.94 -19.53
CA ASN B 75 17.65 -5.19 -18.57
C ASN B 75 16.18 -5.06 -19.03
N PHE B 76 15.87 -5.67 -20.17
CA PHE B 76 14.57 -5.60 -20.83
C PHE B 76 14.19 -4.15 -21.15
N PHE B 77 15.18 -3.31 -21.44
CA PHE B 77 14.95 -1.95 -21.95
C PHE B 77 14.59 -1.97 -23.44
N ILE B 78 15.13 -2.94 -24.19
CA ILE B 78 14.56 -3.32 -25.50
C ILE B 78 14.00 -4.72 -25.36
N ILE B 79 12.92 -4.96 -26.09
CA ILE B 79 12.16 -6.15 -26.02
C ILE B 79 11.80 -6.58 -27.43
N PRO B 80 11.47 -7.86 -27.64
CA PRO B 80 10.95 -8.29 -28.93
C PRO B 80 9.73 -7.45 -29.34
N SER B 81 9.68 -7.01 -30.59
CA SER B 81 8.59 -6.14 -31.04
C SER B 81 7.25 -6.91 -30.99
N GLU B 82 7.30 -8.24 -31.08
CA GLU B 82 6.12 -9.12 -30.92
C GLU B 82 5.45 -8.91 -29.54
N TYR B 83 6.16 -8.32 -28.58
CA TYR B 83 5.62 -8.17 -27.22
C TYR B 83 4.76 -6.91 -27.08
N ASN B 84 4.60 -6.11 -28.15
CA ASN B 84 3.64 -5.00 -28.22
C ASN B 84 2.36 -5.41 -28.97
N ASN B 85 2.04 -6.72 -29.04
CA ASN B 85 0.87 -7.22 -29.79
C ASN B 85 -0.43 -6.69 -29.15
N ASN B 89 -7.90 0.66 -27.26
CA ASN B 89 -7.13 -0.40 -27.87
C ASN B 89 -7.33 -1.62 -26.92
N ASN B 90 -6.50 -1.68 -25.88
CA ASN B 90 -6.39 -2.79 -24.94
C ASN B 90 -6.49 -2.22 -23.52
N ARG B 91 -7.51 -2.61 -22.76
CA ARG B 91 -7.74 -2.04 -21.39
C ARG B 91 -6.55 -2.30 -20.43
N TYR B 92 -5.80 -3.36 -20.69
CA TYR B 92 -4.70 -3.79 -19.80
C TYR B 92 -3.35 -3.22 -20.26
N SER B 93 -3.34 -2.25 -21.18
CA SER B 93 -2.09 -1.85 -21.80
C SER B 93 -1.07 -1.33 -20.78
N ARG B 94 -1.50 -0.67 -19.70
CA ARG B 94 -0.48 -0.19 -18.69
C ARG B 94 0.11 -1.36 -17.90
N ASN B 95 -0.70 -2.39 -17.62
CA ASN B 95 -0.19 -3.61 -17.01
C ASN B 95 0.82 -4.29 -17.96
N PHE B 96 0.54 -4.23 -19.26
CA PHE B 96 1.45 -4.79 -20.28
C PHE B 96 2.86 -4.19 -20.16
N LEU B 97 2.95 -2.87 -19.95
CA LEU B 97 4.24 -2.22 -19.73
C LEU B 97 4.96 -2.90 -18.55
N HIS B 98 4.23 -3.09 -17.46
CA HIS B 98 4.78 -3.73 -16.27
C HIS B 98 5.33 -5.11 -16.61
N TYR B 99 4.54 -5.96 -17.29
CA TYR B 99 5.00 -7.35 -17.59
C TYR B 99 6.23 -7.28 -18.52
N GLN B 100 6.21 -6.38 -19.52
CA GLN B 100 7.33 -6.23 -20.48
C GLN B 100 8.64 -5.91 -19.74
N SER B 101 8.54 -5.02 -18.75
CA SER B 101 9.73 -4.56 -17.96
C SER B 101 10.39 -5.71 -17.16
N TYR B 102 9.70 -6.86 -17.03
CA TYR B 102 10.30 -8.05 -16.37
C TYR B 102 10.74 -9.09 -17.41
N GLY B 103 10.67 -8.74 -18.68
CA GLY B 103 11.12 -9.62 -19.76
C GLY B 103 10.07 -10.61 -20.20
N ALA B 104 8.81 -10.39 -19.82
CA ALA B 104 7.74 -11.34 -20.18
C ALA B 104 7.00 -10.87 -21.43
N ASN B 105 6.41 -11.83 -22.15
CA ASN B 105 5.45 -11.54 -23.19
C ASN B 105 4.13 -11.19 -22.52
N PRO B 106 3.67 -9.92 -22.55
CA PRO B 106 2.49 -9.55 -21.79
C PRO B 106 1.20 -10.23 -22.25
N VAL B 107 1.11 -10.58 -23.55
CA VAL B 107 -0.08 -11.25 -24.06
C VAL B 107 -0.20 -12.62 -23.38
N LEU B 108 0.94 -13.30 -23.15
CA LEU B 108 0.93 -14.61 -22.51
C LEU B 108 0.62 -14.51 -21.01
N VAL B 109 1.15 -13.48 -20.34
CA VAL B 109 0.81 -13.20 -18.95
C VAL B 109 -0.72 -13.01 -18.87
N GLN B 110 -1.27 -12.18 -19.75
CA GLN B 110 -2.65 -11.82 -19.70
C GLN B 110 -3.53 -13.06 -19.89
N ASP B 111 -3.10 -13.97 -20.76
CA ASP B 111 -3.82 -15.22 -20.97
C ASP B 111 -3.84 -16.06 -19.68
N LYS B 112 -2.70 -16.13 -18.99
CA LYS B 112 -2.63 -16.86 -17.70
C LYS B 112 -3.61 -16.23 -16.69
N LEU B 113 -3.69 -14.89 -16.62
CA LEU B 113 -4.63 -14.23 -15.72
C LEU B 113 -6.08 -14.56 -16.10
N LYS B 114 -6.39 -14.52 -17.38
CA LYS B 114 -7.74 -14.77 -17.90
C LYS B 114 -8.17 -16.20 -17.55
N ASN B 115 -7.22 -17.14 -17.58
CA ASN B 115 -7.44 -18.57 -17.35
C ASN B 115 -7.59 -18.89 -15.85
N ALA B 116 -7.25 -17.95 -14.96
CA ALA B 116 -7.17 -18.28 -13.55
C ALA B 116 -8.52 -18.05 -12.86
N LYS B 117 -8.66 -18.76 -11.73
CA LYS B 117 -9.76 -18.64 -10.80
C LYS B 117 -9.21 -18.28 -9.42
N VAL B 118 -9.78 -17.26 -8.79
CA VAL B 118 -9.34 -16.85 -7.45
C VAL B 118 -10.54 -16.77 -6.50
N VAL B 119 -10.40 -17.35 -5.29
CA VAL B 119 -11.39 -17.20 -4.24
C VAL B 119 -10.96 -16.04 -3.35
N ILE B 120 -11.90 -15.13 -3.08
CA ILE B 120 -11.73 -14.13 -2.05
C ILE B 120 -12.50 -14.58 -0.81
N LEU B 121 -11.75 -15.03 0.19
CA LEU B 121 -12.34 -15.58 1.38
C LEU B 121 -12.36 -14.50 2.44
N GLY B 122 -13.48 -13.76 2.46
CA GLY B 122 -13.65 -12.57 3.26
C GLY B 122 -13.61 -11.29 2.43
N CYS B 123 -14.71 -10.54 2.47
CA CYS B 123 -14.98 -9.46 1.58
C CYS B 123 -15.03 -8.16 2.37
N GLY B 124 -14.12 -8.00 3.30
CA GLY B 124 -14.00 -6.79 4.08
C GLY B 124 -12.90 -5.87 3.52
N GLY B 125 -12.09 -5.28 4.41
CA GLY B 125 -11.12 -4.29 3.97
C GLY B 125 -10.12 -4.89 2.98
N ILE B 126 -9.54 -6.03 3.33
CA ILE B 126 -8.52 -6.62 2.47
C ILE B 126 -9.18 -7.18 1.20
N GLY B 127 -10.34 -7.82 1.34
CA GLY B 127 -11.02 -8.42 0.21
C GLY B 127 -11.50 -7.38 -0.80
N ASN B 128 -12.00 -6.24 -0.29
CA ASN B 128 -12.36 -5.09 -1.13
C ASN B 128 -11.19 -4.68 -2.04
N HIS B 129 -10.03 -4.41 -1.44
CA HIS B 129 -8.90 -3.89 -2.19
C HIS B 129 -8.24 -4.95 -3.09
N VAL B 130 -8.13 -6.19 -2.62
CA VAL B 130 -7.53 -7.24 -3.40
C VAL B 130 -8.43 -7.53 -4.61
N SER B 131 -9.74 -7.65 -4.36
CA SER B 131 -10.65 -8.08 -5.45
C SER B 131 -10.66 -7.06 -6.60
N VAL B 132 -10.62 -5.76 -6.30
CA VAL B 132 -10.69 -4.77 -7.41
C VAL B 132 -9.41 -4.80 -8.24
N ILE B 133 -8.24 -4.93 -7.58
CA ILE B 133 -7.01 -5.01 -8.28
C ILE B 133 -7.03 -6.23 -9.22
N LEU B 134 -7.44 -7.37 -8.68
CA LEU B 134 -7.47 -8.62 -9.48
C LEU B 134 -8.47 -8.46 -10.63
N ALA B 135 -9.67 -7.93 -10.36
CA ALA B 135 -10.71 -7.80 -11.41
C ALA B 135 -10.21 -6.92 -12.57
N THR B 136 -9.67 -5.76 -12.22
CA THR B 136 -9.24 -4.77 -13.23
C THR B 136 -7.91 -5.18 -13.89
N SER B 137 -7.20 -6.16 -13.31
CA SER B 137 -6.07 -6.75 -13.96
C SER B 137 -6.48 -7.95 -14.85
N GLY B 138 -7.77 -8.30 -14.86
CA GLY B 138 -8.28 -9.33 -15.76
C GLY B 138 -8.12 -10.77 -15.27
N ILE B 139 -8.08 -11.01 -13.97
CA ILE B 139 -8.24 -12.36 -13.47
C ILE B 139 -9.61 -12.86 -13.93
N GLY B 140 -9.64 -14.02 -14.58
CA GLY B 140 -10.80 -14.46 -15.38
C GLY B 140 -12.03 -14.83 -14.55
N GLU B 141 -11.83 -15.28 -13.30
CA GLU B 141 -12.94 -15.70 -12.46
C GLU B 141 -12.60 -15.35 -11.01
N ILE B 142 -13.50 -14.62 -10.35
CA ILE B 142 -13.36 -14.27 -8.95
C ILE B 142 -14.59 -14.77 -8.20
N ILE B 143 -14.36 -15.54 -7.13
CA ILE B 143 -15.43 -16.05 -6.27
C ILE B 143 -15.36 -15.36 -4.92
N LEU B 144 -16.43 -14.67 -4.56
CA LEU B 144 -16.51 -13.82 -3.36
C LEU B 144 -17.28 -14.53 -2.25
N ILE B 145 -16.64 -14.64 -1.08
CA ILE B 145 -17.19 -15.40 0.01
C ILE B 145 -17.22 -14.53 1.27
N ASP B 146 -18.39 -14.48 1.92
CA ASP B 146 -18.54 -13.76 3.18
C ASP B 146 -19.87 -14.18 3.82
N ASN B 147 -20.03 -13.79 5.09
CA ASN B 147 -21.16 -14.07 6.00
C ASN B 147 -21.90 -12.78 6.36
N ASP B 148 -21.45 -11.60 5.89
CA ASP B 148 -21.80 -10.34 6.60
C ASP B 148 -22.47 -9.28 5.69
N GLN B 149 -23.14 -8.33 6.36
CA GLN B 149 -23.74 -7.17 5.73
C GLN B 149 -22.87 -5.93 5.98
N ILE B 150 -22.96 -4.95 5.07
CA ILE B 150 -22.13 -3.74 5.13
C ILE B 150 -22.62 -2.86 6.28
N GLU B 151 -21.68 -2.35 7.08
CA GLU B 151 -21.92 -1.42 8.21
C GLU B 151 -21.28 -0.08 7.87
N ASN B 152 -21.86 0.99 8.45
CA ASN B 152 -21.41 2.32 8.16
C ASN B 152 -19.92 2.49 8.52
N THR B 153 -19.44 1.80 9.55
CA THR B 153 -18.03 1.96 9.97
C THR B 153 -17.08 1.34 8.93
N ASN B 154 -17.61 0.49 8.05
CA ASN B 154 -16.80 -0.18 7.04
C ASN B 154 -16.25 0.79 5.99
N LEU B 155 -16.83 1.98 5.81
CA LEU B 155 -16.54 2.81 4.67
C LEU B 155 -15.18 3.50 4.80
N THR B 156 -14.54 3.44 5.98
CA THR B 156 -13.17 3.97 6.12
C THR B 156 -12.18 3.22 5.21
N ARG B 157 -12.36 1.90 5.03
CA ARG B 157 -11.39 1.04 4.33
C ARG B 157 -12.01 0.30 3.12
N GLN B 158 -13.31 0.02 3.16
CA GLN B 158 -13.94 -0.91 2.21
C GLN B 158 -14.40 -0.10 1.00
N VAL B 159 -13.45 0.12 0.09
CA VAL B 159 -13.48 1.18 -0.89
C VAL B 159 -14.61 1.00 -1.90
N LEU B 160 -15.07 -0.24 -2.14
CA LEU B 160 -16.13 -0.45 -3.12
C LEU B 160 -17.50 -0.08 -2.59
N PHE B 161 -17.62 0.20 -1.28
CA PHE B 161 -18.93 0.39 -0.62
C PHE B 161 -19.22 1.88 -0.45
N SER B 162 -20.49 2.24 -0.59
CA SER B 162 -20.97 3.61 -0.48
C SER B 162 -22.02 3.66 0.62
N GLU B 163 -22.44 4.86 1.03
CA GLU B 163 -23.47 5.03 2.08
C GLU B 163 -24.77 4.29 1.72
N ASP B 164 -25.12 4.32 0.44
CA ASP B 164 -26.36 3.66 -0.03
C ASP B 164 -26.30 2.12 0.07
N ASP B 165 -25.09 1.54 0.15
CA ASP B 165 -24.90 0.13 0.19
C ASP B 165 -25.00 -0.42 1.62
N VAL B 166 -24.94 0.46 2.64
CA VAL B 166 -24.95 0.00 4.01
C VAL B 166 -26.21 -0.86 4.22
N GLY B 167 -26.00 -2.02 4.85
CA GLY B 167 -27.05 -2.97 5.18
C GLY B 167 -27.17 -4.11 4.17
N LYS B 168 -26.55 -3.99 3.01
CA LYS B 168 -26.61 -5.02 1.97
C LYS B 168 -25.50 -6.05 2.22
N ASN B 169 -25.66 -7.23 1.61
CA ASN B 169 -24.63 -8.27 1.68
C ASN B 169 -23.36 -7.77 1.00
N LYS B 170 -22.22 -7.94 1.67
CA LYS B 170 -20.92 -7.53 1.13
C LYS B 170 -20.65 -8.22 -0.21
N THR B 171 -20.95 -9.52 -0.33
CA THR B 171 -20.64 -10.22 -1.56
C THR B 171 -21.42 -9.60 -2.72
N GLU B 172 -22.68 -9.19 -2.46
CA GLU B 172 -23.57 -8.76 -3.56
C GLU B 172 -23.09 -7.40 -4.09
N VAL B 173 -22.64 -6.54 -3.16
CA VAL B 173 -22.16 -5.24 -3.54
C VAL B 173 -20.78 -5.31 -4.16
N ILE B 174 -19.87 -6.15 -3.65
CA ILE B 174 -18.59 -6.29 -4.32
C ILE B 174 -18.81 -6.79 -5.75
N LYS B 175 -19.68 -7.78 -5.92
CA LYS B 175 -19.93 -8.33 -7.24
C LYS B 175 -20.39 -7.22 -8.18
N ARG B 176 -21.36 -6.40 -7.74
CA ARG B 176 -21.89 -5.33 -8.58
C ARG B 176 -20.77 -4.35 -8.98
N GLU B 177 -19.95 -3.97 -7.98
CA GLU B 177 -18.94 -2.97 -8.18
C GLU B 177 -17.74 -3.46 -9.00
N LEU B 178 -17.38 -4.74 -8.89
CA LEU B 178 -16.34 -5.34 -9.74
C LEU B 178 -16.81 -5.41 -11.20
N LEU B 179 -18.06 -5.85 -11.44
CA LEU B 179 -18.54 -5.94 -12.82
C LEU B 179 -18.75 -4.55 -13.43
N LYS B 180 -18.94 -3.50 -12.61
CA LYS B 180 -19.06 -2.16 -13.14
C LYS B 180 -17.68 -1.73 -13.68
N ARG B 181 -16.62 -2.27 -13.09
CA ARG B 181 -15.29 -1.84 -13.43
C ARG B 181 -14.69 -2.70 -14.55
N ASN B 182 -14.99 -3.98 -14.55
CA ASN B 182 -14.52 -4.92 -15.55
C ASN B 182 -15.60 -5.97 -15.81
N SER B 183 -16.41 -5.70 -16.82
CA SER B 183 -17.55 -6.56 -17.11
C SER B 183 -17.10 -7.75 -17.96
N GLU B 184 -15.81 -7.89 -18.24
CA GLU B 184 -15.34 -8.96 -19.16
C GLU B 184 -15.22 -10.31 -18.43
N ILE B 185 -15.16 -10.27 -17.08
CA ILE B 185 -14.75 -11.44 -16.28
C ILE B 185 -15.98 -12.04 -15.58
N SER B 186 -15.76 -13.19 -14.94
CA SER B 186 -16.78 -13.89 -14.15
C SER B 186 -16.62 -13.54 -12.66
N VAL B 187 -17.69 -13.04 -12.04
CA VAL B 187 -17.66 -12.75 -10.62
C VAL B 187 -18.91 -13.42 -10.03
N SER B 188 -18.73 -14.17 -8.94
CA SER B 188 -19.85 -14.85 -8.31
C SER B 188 -19.69 -14.83 -6.81
N GLU B 189 -20.78 -15.20 -6.12
CA GLU B 189 -20.89 -15.07 -4.67
C GLU B 189 -21.19 -16.43 -4.04
N ILE B 190 -20.68 -16.61 -2.83
CA ILE B 190 -21.06 -17.71 -1.95
C ILE B 190 -21.25 -17.11 -0.56
N ALA B 191 -22.41 -17.37 0.04
CA ALA B 191 -22.69 -17.04 1.44
C ALA B 191 -22.18 -18.21 2.29
N LEU B 192 -21.14 -17.94 3.08
CA LEU B 192 -20.54 -18.98 3.90
C LEU B 192 -20.11 -18.35 5.21
N ASN B 193 -20.43 -19.05 6.31
CA ASN B 193 -19.92 -18.78 7.63
C ASN B 193 -18.99 -19.92 8.02
N ILE B 194 -17.69 -19.64 8.10
CA ILE B 194 -16.73 -20.68 8.48
C ILE B 194 -16.65 -20.75 10.01
N ASN B 195 -17.24 -21.80 10.57
CA ASN B 195 -17.40 -21.93 12.01
C ASN B 195 -16.50 -23.04 12.52
N ASP B 196 -15.96 -23.84 11.59
CA ASP B 196 -15.25 -25.02 11.84
C ASP B 196 -14.42 -25.35 10.61
N TYR B 197 -13.32 -26.06 10.83
CA TYR B 197 -12.47 -26.54 9.79
C TYR B 197 -13.26 -27.17 8.64
N THR B 198 -14.28 -27.98 8.95
CA THR B 198 -14.83 -28.84 7.88
C THR B 198 -15.76 -27.99 6.98
N ASP B 199 -16.12 -26.79 7.43
CA ASP B 199 -16.92 -25.85 6.59
C ASP B 199 -16.17 -25.40 5.33
N LEU B 200 -14.83 -25.52 5.33
CA LEU B 200 -14.00 -25.09 4.22
C LEU B 200 -14.20 -26.02 3.01
N HIS B 201 -14.79 -27.21 3.20
CA HIS B 201 -15.09 -28.07 2.07
C HIS B 201 -16.06 -27.41 1.08
N LYS B 202 -16.81 -26.37 1.49
CA LYS B 202 -17.73 -25.67 0.58
C LYS B 202 -17.01 -24.65 -0.34
N VAL B 203 -15.80 -24.24 0.06
CA VAL B 203 -15.03 -23.30 -0.71
C VAL B 203 -14.48 -24.03 -1.93
N PRO B 204 -14.70 -23.48 -3.14
CA PRO B 204 -14.26 -24.14 -4.37
C PRO B 204 -12.74 -24.18 -4.49
N GLU B 205 -12.26 -25.24 -5.14
CA GLU B 205 -10.88 -25.32 -5.61
C GLU B 205 -10.63 -24.17 -6.58
N ALA B 206 -9.43 -23.60 -6.53
CA ALA B 206 -9.01 -22.45 -7.35
C ALA B 206 -7.51 -22.45 -7.56
N ASP B 207 -7.03 -21.56 -8.44
CA ASP B 207 -5.61 -21.42 -8.65
C ASP B 207 -4.99 -21.00 -7.32
N ILE B 208 -5.68 -20.10 -6.59
CA ILE B 208 -5.22 -19.61 -5.28
C ILE B 208 -6.41 -19.06 -4.50
N TRP B 209 -6.31 -19.18 -3.17
CA TRP B 209 -7.28 -18.53 -2.29
C TRP B 209 -6.61 -17.30 -1.70
N VAL B 210 -7.31 -16.19 -1.67
CA VAL B 210 -6.92 -15.01 -0.89
C VAL B 210 -7.64 -15.11 0.45
N VAL B 211 -6.88 -15.29 1.53
CA VAL B 211 -7.48 -15.55 2.83
C VAL B 211 -7.52 -14.22 3.57
N SER B 212 -8.70 -13.63 3.58
CA SER B 212 -8.98 -12.25 4.00
C SER B 212 -10.19 -12.21 4.94
N ALA B 213 -10.31 -13.26 5.77
CA ALA B 213 -11.30 -13.48 6.88
C ALA B 213 -10.52 -13.85 8.14
N ASP B 214 -11.05 -13.49 9.30
CA ASP B 214 -10.22 -13.33 10.52
C ASP B 214 -10.90 -13.78 11.82
N HIS B 215 -12.10 -14.38 11.78
CA HIS B 215 -12.79 -14.81 13.03
C HIS B 215 -13.06 -16.31 12.98
N PRO B 216 -12.72 -17.04 14.05
CA PRO B 216 -12.07 -16.60 15.26
C PRO B 216 -10.56 -16.44 14.99
N PHE B 217 -9.78 -16.16 16.04
CA PHE B 217 -8.34 -15.99 15.89
C PHE B 217 -7.66 -17.20 15.23
N ASN B 218 -8.15 -18.43 15.45
CA ASN B 218 -7.52 -19.63 14.90
C ASN B 218 -8.08 -20.01 13.52
N LEU B 219 -8.93 -19.15 12.92
CA LEU B 219 -9.41 -19.43 11.57
C LEU B 219 -8.25 -19.63 10.58
N ILE B 220 -7.19 -18.83 10.68
CA ILE B 220 -6.04 -19.01 9.74
C ILE B 220 -5.43 -20.41 9.90
N ASN B 221 -5.38 -20.91 11.14
CA ASN B 221 -4.85 -22.26 11.41
C ASN B 221 -5.69 -23.31 10.70
N TRP B 222 -7.01 -23.12 10.71
CA TRP B 222 -7.95 -24.08 10.05
C TRP B 222 -7.71 -24.06 8.54
N VAL B 223 -7.67 -22.83 7.99
CA VAL B 223 -7.47 -22.63 6.59
C VAL B 223 -6.15 -23.28 6.13
N ASN B 224 -5.06 -23.04 6.88
CA ASN B 224 -3.76 -23.57 6.56
C ASN B 224 -3.81 -25.09 6.50
N LYS B 225 -4.37 -25.69 7.55
CA LYS B 225 -4.50 -27.17 7.63
C LYS B 225 -5.31 -27.67 6.44
N TYR B 226 -6.43 -27.02 6.17
CA TYR B 226 -7.25 -27.47 5.04
C TYR B 226 -6.45 -27.40 3.73
N CYS B 227 -5.70 -26.31 3.51
CA CYS B 227 -5.12 -26.08 2.21
C CYS B 227 -3.96 -27.03 2.00
N VAL B 228 -3.23 -27.34 3.08
CA VAL B 228 -2.15 -28.30 2.99
C VAL B 228 -2.74 -29.64 2.59
N ARG B 229 -3.84 -30.05 3.23
CA ARG B 229 -4.47 -31.37 2.90
C ARG B 229 -5.09 -31.35 1.49
N ALA B 230 -5.55 -30.17 1.02
CA ALA B 230 -6.29 -30.07 -0.29
C ALA B 230 -5.36 -29.73 -1.46
N ASN B 231 -4.05 -29.56 -1.20
CA ASN B 231 -3.06 -29.14 -2.20
C ASN B 231 -3.56 -27.82 -2.82
N GLN B 232 -4.00 -26.89 -1.95
CA GLN B 232 -4.59 -25.64 -2.39
C GLN B 232 -3.67 -24.46 -2.08
N PRO B 233 -3.06 -23.78 -3.07
CA PRO B 233 -2.29 -22.57 -2.78
C PRO B 233 -3.20 -21.51 -2.13
N TYR B 234 -2.61 -20.73 -1.22
CA TYR B 234 -3.32 -19.60 -0.66
C TYR B 234 -2.31 -18.53 -0.27
N ILE B 235 -2.84 -17.33 -0.05
CA ILE B 235 -2.07 -16.22 0.51
C ILE B 235 -2.95 -15.56 1.58
N ASN B 236 -2.34 -15.23 2.73
CA ASN B 236 -3.01 -14.52 3.80
C ASN B 236 -2.55 -13.06 3.74
N ALA B 237 -3.45 -12.13 4.09
CA ALA B 237 -3.07 -10.71 4.22
C ALA B 237 -4.00 -10.03 5.22
N GLY B 238 -3.51 -8.97 5.84
CA GLY B 238 -4.30 -8.23 6.77
C GLY B 238 -3.39 -7.30 7.52
N TYR B 239 -3.63 -7.15 8.81
CA TYR B 239 -2.83 -6.24 9.62
C TYR B 239 -2.91 -6.69 11.08
N VAL B 240 -1.88 -6.32 11.84
CA VAL B 240 -1.94 -6.41 13.30
C VAL B 240 -1.89 -4.97 13.82
N ASN B 241 -3.09 -4.44 14.13
CA ASN B 241 -3.28 -3.01 14.38
C ASN B 241 -2.57 -2.20 13.27
N ASP B 242 -1.52 -1.45 13.63
CA ASP B 242 -0.85 -0.45 12.72
C ASP B 242 0.22 -1.10 11.83
N ILE B 243 0.42 -2.43 11.88
CA ILE B 243 1.38 -3.11 10.97
C ILE B 243 0.63 -3.85 9.84
N ALA B 244 0.94 -3.49 8.58
CA ALA B 244 0.39 -4.14 7.42
C ALA B 244 1.09 -5.48 7.27
N VAL B 245 0.36 -6.55 6.96
CA VAL B 245 0.96 -7.86 6.89
C VAL B 245 0.46 -8.54 5.60
N PHE B 246 1.41 -9.13 4.86
CA PHE B 246 1.00 -10.00 3.73
C PHE B 246 1.95 -11.19 3.66
N GLY B 247 1.38 -12.32 3.24
CA GLY B 247 2.06 -13.57 3.32
C GLY B 247 1.64 -14.35 4.55
N PRO B 248 1.95 -15.67 4.57
CA PRO B 248 2.74 -16.32 3.52
C PRO B 248 1.91 -16.65 2.28
N LEU B 249 2.60 -16.84 1.15
CA LEU B 249 2.02 -17.45 -0.04
C LEU B 249 2.43 -18.92 0.03
N TYR B 250 1.47 -19.77 0.38
CA TYR B 250 1.64 -21.24 0.52
C TYR B 250 1.51 -21.90 -0.85
N VAL B 251 2.54 -22.64 -1.25
CA VAL B 251 2.51 -23.43 -2.50
C VAL B 251 2.82 -24.88 -2.13
N PRO B 252 1.85 -25.80 -2.32
CA PRO B 252 2.02 -27.21 -1.93
C PRO B 252 3.38 -27.81 -2.32
N GLY B 253 4.10 -28.36 -1.34
CA GLY B 253 5.39 -29.04 -1.52
C GLY B 253 6.59 -28.13 -1.70
N LYS B 254 6.36 -26.85 -1.98
CA LYS B 254 7.39 -25.94 -2.40
C LYS B 254 7.79 -25.01 -1.25
N THR B 255 6.78 -24.50 -0.53
CA THR B 255 7.03 -23.50 0.50
C THR B 255 6.77 -24.12 1.86
N GLY B 256 7.15 -23.39 2.93
CA GLY B 256 6.62 -23.65 4.21
C GLY B 256 5.17 -23.28 4.29
N CYS B 257 4.51 -23.78 5.33
CA CYS B 257 3.12 -23.45 5.64
C CYS B 257 3.10 -22.47 6.83
N TYR B 258 1.92 -21.99 7.20
CA TYR B 258 1.76 -21.01 8.30
C TYR B 258 2.35 -21.50 9.63
N GLU B 259 2.40 -22.81 9.84
CA GLU B 259 2.78 -23.40 11.17
C GLU B 259 4.21 -23.94 11.19
N CYS B 260 4.90 -23.99 10.04
CA CYS B 260 6.23 -24.61 9.97
C CYS B 260 7.18 -24.05 11.05
N GLN B 261 7.25 -22.73 11.20
CA GLN B 261 8.27 -22.11 12.08
C GLN B 261 7.70 -21.70 13.44
N LYS B 262 6.38 -21.84 13.62
CA LYS B 262 5.72 -21.48 14.89
C LYS B 262 6.13 -20.05 15.30
N VAL B 263 6.13 -19.12 14.34
CA VAL B 263 6.57 -17.72 14.55
C VAL B 263 5.36 -16.90 14.99
N VAL B 264 4.17 -17.37 14.67
CA VAL B 264 2.96 -16.63 15.03
C VAL B 264 2.28 -17.36 16.18
N ALA B 265 1.84 -16.60 17.19
CA ALA B 265 1.13 -17.22 18.29
C ALA B 265 -0.06 -18.01 17.75
N ASP B 266 -0.35 -19.16 18.40
CA ASP B 266 -1.59 -19.92 18.10
C ASP B 266 -2.40 -20.22 19.38
N LEU B 267 -1.81 -20.12 20.58
CA LEU B 267 -2.56 -20.29 21.84
C LEU B 267 -3.00 -18.93 22.41
N TYR B 268 -4.27 -18.61 22.21
CA TYR B 268 -4.86 -17.39 22.72
C TYR B 268 -5.55 -17.72 24.04
N GLY B 269 -4.70 -18.07 25.03
CA GLY B 269 -5.20 -18.57 26.28
C GLY B 269 -4.08 -18.97 27.22
N ALA B 270 -4.49 -19.68 28.29
CA ALA B 270 -3.57 -20.06 29.34
C ALA B 270 -3.99 -21.42 29.88
N GLU B 271 -3.03 -22.17 30.42
CA GLU B 271 -3.33 -23.42 31.08
C GLU B 271 -3.88 -23.23 32.50
N LYS B 272 -3.88 -22.00 33.04
CA LYS B 272 -4.47 -21.68 34.32
C LYS B 272 -5.84 -21.03 34.12
N GLU B 273 -6.89 -21.61 34.73
CA GLU B 273 -8.29 -21.11 34.58
C GLU B 273 -8.40 -19.60 34.86
N ASN B 274 -7.81 -19.12 35.97
CA ASN B 274 -8.04 -17.73 36.40
C ASN B 274 -7.36 -16.74 35.43
N ILE B 275 -6.42 -17.21 34.60
CA ILE B 275 -5.82 -16.38 33.56
C ILE B 275 -6.60 -16.58 32.25
N ASP B 276 -6.87 -17.85 31.94
CA ASP B 276 -7.51 -18.22 30.68
C ASP B 276 -8.84 -17.47 30.52
N HIS B 277 -9.67 -17.38 31.58
CA HIS B 277 -11.00 -16.74 31.48
C HIS B 277 -10.83 -15.24 31.14
N LYS B 278 -9.76 -14.62 31.68
CA LYS B 278 -9.49 -13.22 31.49
C LYS B 278 -9.03 -12.97 30.05
N ILE B 279 -8.12 -13.83 29.54
CA ILE B 279 -7.61 -13.74 28.20
C ILE B 279 -8.77 -13.87 27.21
N LYS B 280 -9.62 -14.89 27.44
CA LYS B 280 -10.74 -15.14 26.55
C LYS B 280 -11.69 -13.93 26.53
N LEU B 281 -11.91 -13.27 27.68
CA LEU B 281 -12.84 -12.14 27.71
C LEU B 281 -12.21 -10.97 26.92
N ILE B 282 -10.95 -10.66 27.25
CA ILE B 282 -10.24 -9.57 26.60
C ILE B 282 -10.21 -9.78 25.10
N ASN B 283 -9.90 -11.00 24.65
CA ASN B 283 -9.78 -11.26 23.22
C ASN B 283 -11.16 -11.23 22.53
N SER B 284 -12.22 -11.61 23.25
CA SER B 284 -13.62 -11.56 22.72
C SER B 284 -14.04 -10.10 22.43
N ARG B 285 -13.48 -9.14 23.14
CA ARG B 285 -13.75 -7.73 23.01
C ARG B 285 -12.87 -7.05 21.97
N PHE B 286 -11.83 -7.74 21.50
CA PHE B 286 -10.83 -7.15 20.65
C PHE B 286 -11.47 -6.62 19.34
N LYS B 287 -11.13 -5.38 19.03
CA LYS B 287 -11.38 -4.72 17.75
C LYS B 287 -10.07 -4.09 17.25
N PRO B 288 -9.57 -4.46 16.06
CA PRO B 288 -8.30 -3.93 15.59
C PRO B 288 -8.41 -2.41 15.47
N ALA B 289 -7.31 -1.74 15.72
CA ALA B 289 -7.23 -0.34 15.40
C ALA B 289 -7.07 -0.13 13.85
N THR B 290 -8.13 -0.42 13.07
CA THR B 290 -7.97 -0.39 11.60
C THR B 290 -7.61 1.04 11.17
N PHE B 291 -6.86 1.16 10.09
CA PHE B 291 -6.51 2.44 9.55
C PHE B 291 -6.36 2.22 8.05
N ALA B 292 -7.12 2.95 7.19
CA ALA B 292 -7.17 2.51 5.75
C ALA B 292 -5.79 2.43 5.12
N PRO B 293 -4.82 3.33 5.39
CA PRO B 293 -3.49 3.19 4.78
C PRO B 293 -2.85 1.84 5.06
N VAL B 294 -3.01 1.33 6.28
CA VAL B 294 -2.40 0.03 6.67
C VAL B 294 -3.10 -1.09 5.91
N ASN B 295 -4.42 -1.09 5.98
CA ASN B 295 -5.27 -2.02 5.18
C ASN B 295 -4.82 -2.06 3.71
N ASN B 296 -4.70 -0.89 3.11
CA ASN B 296 -4.50 -0.76 1.64
C ASN B 296 -3.11 -1.24 1.24
N VAL B 297 -2.10 -0.99 2.09
CA VAL B 297 -0.75 -1.47 1.81
C VAL B 297 -0.71 -3.01 1.76
N ALA B 298 -1.28 -3.65 2.78
CA ALA B 298 -1.36 -5.10 2.90
C ALA B 298 -2.10 -5.67 1.68
N ALA B 299 -3.25 -5.10 1.36
CA ALA B 299 -4.02 -5.61 0.25
C ALA B 299 -3.26 -5.51 -1.06
N ALA B 300 -2.65 -4.34 -1.31
CA ALA B 300 -1.99 -4.03 -2.52
C ALA B 300 -0.89 -5.06 -2.76
N LEU B 301 -0.07 -5.31 -1.74
CA LEU B 301 1.06 -6.19 -1.93
C LEU B 301 0.61 -7.66 -1.96
N CYS B 302 -0.50 -8.00 -1.28
CA CYS B 302 -1.16 -9.30 -1.47
C CYS B 302 -1.54 -9.49 -2.95
N ALA B 303 -2.24 -8.51 -3.53
CA ALA B 303 -2.68 -8.61 -4.93
C ALA B 303 -1.47 -8.74 -5.86
N ALA B 304 -0.35 -8.04 -5.57
CA ALA B 304 0.84 -8.14 -6.42
C ALA B 304 1.32 -9.60 -6.44
N ASP B 305 1.37 -10.23 -5.27
CA ASP B 305 1.82 -11.61 -5.16
C ASP B 305 0.90 -12.57 -5.89
N VAL B 306 -0.41 -12.32 -5.84
CA VAL B 306 -1.34 -13.14 -6.60
C VAL B 306 -1.03 -13.02 -8.12
N ILE B 307 -0.90 -11.79 -8.63
CA ILE B 307 -0.74 -11.56 -10.06
C ILE B 307 0.58 -12.19 -10.52
N LYS B 308 1.62 -12.11 -9.68
CA LYS B 308 2.89 -12.70 -10.03
C LYS B 308 2.85 -14.23 -9.94
N PHE B 309 2.14 -14.79 -8.95
CA PHE B 309 2.02 -16.22 -8.81
C PHE B 309 1.33 -16.83 -10.06
N ILE B 310 0.25 -16.22 -10.51
CA ILE B 310 -0.52 -16.67 -11.69
C ILE B 310 0.25 -16.35 -12.99
N GLY B 311 0.86 -15.16 -13.08
CA GLY B 311 1.41 -14.66 -14.29
C GLY B 311 2.79 -15.21 -14.62
N LYS B 312 3.54 -15.59 -13.58
CA LYS B 312 4.84 -16.28 -13.66
C LYS B 312 5.98 -15.39 -14.18
N TYR B 313 5.82 -14.07 -14.16
CA TYR B 313 6.81 -13.20 -14.80
C TYR B 313 7.85 -12.66 -13.80
N SER B 314 7.59 -12.86 -12.50
CA SER B 314 8.43 -12.40 -11.41
C SER B 314 8.07 -13.18 -10.13
N GLU B 315 9.03 -13.31 -9.22
CA GLU B 315 8.83 -14.09 -8.00
C GLU B 315 7.93 -13.33 -7.03
N PRO B 316 6.87 -13.95 -6.52
CA PRO B 316 6.08 -13.32 -5.45
C PRO B 316 6.98 -13.11 -4.22
N LEU B 317 6.81 -11.97 -3.57
CA LEU B 317 7.60 -11.57 -2.45
C LEU B 317 7.37 -12.50 -1.23
N SER B 318 6.15 -13.01 -1.02
CA SER B 318 5.79 -13.68 0.23
C SER B 318 5.90 -15.21 0.21
N LEU B 319 6.49 -15.85 -0.83
CA LEU B 319 6.88 -17.25 -0.68
C LEU B 319 7.73 -17.37 0.60
N ASN B 320 7.39 -18.29 1.50
CA ASN B 320 8.19 -18.64 2.68
C ASN B 320 8.28 -17.47 3.68
N LYS B 321 7.42 -16.45 3.59
CA LYS B 321 7.60 -15.25 4.40
C LYS B 321 6.23 -14.66 4.78
N ARG B 322 6.17 -14.12 6.00
CA ARG B 322 5.06 -13.29 6.44
C ARG B 322 5.67 -11.92 6.65
N ILE B 323 5.28 -10.95 5.82
CA ILE B 323 6.01 -9.65 5.75
C ILE B 323 5.16 -8.59 6.43
N GLY B 324 5.76 -7.83 7.34
CA GLY B 324 5.10 -6.71 7.93
C GLY B 324 5.80 -5.42 7.54
N ILE B 325 4.96 -4.42 7.25
CA ILE B 325 5.37 -3.04 7.01
C ILE B 325 4.73 -2.17 8.09
N TRP B 326 5.57 -1.47 8.85
CA TRP B 326 5.15 -0.63 9.93
C TRP B 326 4.53 0.66 9.35
N SER B 327 3.64 1.33 10.09
CA SER B 327 3.12 2.61 9.60
C SER B 327 3.56 3.78 10.48
N ASP B 328 4.13 3.53 11.65
CA ASP B 328 4.56 4.64 12.54
C ASP B 328 6.08 4.71 12.63
N GLU B 329 6.75 3.84 11.91
CA GLU B 329 8.13 4.04 11.62
C GLU B 329 8.40 3.37 10.27
N ILE B 330 9.58 3.67 9.72
CA ILE B 330 9.94 3.20 8.40
C ILE B 330 10.64 1.86 8.61
N LYS B 331 9.92 0.78 8.34
CA LYS B 331 10.43 -0.52 8.75
C LYS B 331 9.68 -1.63 8.01
N ILE B 332 10.44 -2.61 7.53
CA ILE B 332 9.85 -3.81 6.94
C ILE B 332 10.61 -4.98 7.56
N HIS B 333 9.89 -6.01 7.95
CA HIS B 333 10.43 -7.19 8.60
C HIS B 333 9.73 -8.41 7.97
N SER B 334 10.48 -9.48 7.72
CA SER B 334 9.90 -10.71 7.21
C SER B 334 10.04 -11.80 8.27
N GLN B 335 8.92 -12.43 8.62
CA GLN B 335 8.98 -13.67 9.43
C GLN B 335 9.31 -14.86 8.52
N ASN B 336 10.31 -15.65 8.93
CA ASN B 336 10.67 -16.87 8.27
C ASN B 336 9.51 -17.86 8.39
N MET B 337 8.90 -18.20 7.26
CA MET B 337 7.97 -19.29 7.18
C MET B 337 8.44 -20.30 6.12
N GLY B 338 9.74 -20.54 6.07
CA GLY B 338 10.29 -21.64 5.24
C GLY B 338 9.87 -23.00 5.80
N ARG B 339 9.88 -24.01 4.95
CA ARG B 339 9.36 -25.30 5.35
C ARG B 339 10.20 -25.85 6.52
N SER B 340 9.53 -26.48 7.47
CA SER B 340 10.19 -27.06 8.62
C SER B 340 10.07 -28.57 8.52
N PRO B 341 11.18 -29.29 8.66
CA PRO B 341 11.12 -30.75 8.68
C PRO B 341 10.40 -31.30 9.93
N VAL B 342 10.09 -30.41 10.88
CA VAL B 342 9.52 -30.69 12.20
C VAL B 342 8.07 -30.18 12.29
N CYS B 343 7.51 -29.72 11.17
CA CYS B 343 6.14 -29.19 11.14
C CYS B 343 5.15 -30.33 11.34
N SER B 344 4.21 -30.15 12.27
CA SER B 344 3.21 -31.17 12.51
C SER B 344 2.20 -31.19 11.36
N VAL B 345 2.02 -30.05 10.68
CA VAL B 345 0.93 -29.93 9.69
C VAL B 345 1.37 -30.44 8.31
N CYS B 346 2.53 -30.03 7.81
CA CYS B 346 2.79 -30.25 6.36
C CYS B 346 3.86 -31.31 6.11
N GLY B 347 4.43 -31.89 7.17
CA GLY B 347 5.64 -32.74 7.06
C GLY B 347 5.34 -34.15 6.55
N FME C 1 15.14 4.90 -7.89
CN FME C 1 14.80 4.18 -9.10
O1 FME C 1 13.88 4.52 -9.76
CA FME C 1 14.32 6.07 -7.51
CB FME C 1 13.62 5.92 -6.14
CG FME C 1 14.59 5.44 -5.03
SD FME C 1 13.79 5.43 -3.42
CE FME C 1 12.94 7.06 -3.28
C FME C 1 15.19 7.35 -7.47
O FME C 1 14.91 8.31 -6.82
N ARG C 2 16.33 7.38 -8.37
CA ARG C 2 17.22 8.58 -8.50
C ARG C 2 16.67 9.52 -9.56
N THR C 3 15.38 9.22 -10.17
CA THR C 3 14.73 10.12 -11.08
C THR C 3 13.39 10.39 -10.37
N GLY C 4 12.64 11.46 -11.00
CA GLY C 4 11.39 11.85 -10.48
C GLY C 4 10.28 10.83 -10.62
N ASN C 5 9.20 11.04 -9.72
CA ASN C 5 8.13 10.07 -9.93
C ASN C 5 7.00 10.55 -10.86
N ALA C 6 6.17 9.44 -11.30
CA ALA C 6 4.97 9.67 -12.07
C ALA C 6 3.88 9.30 -11.09
N ASP C 7 2.53 9.67 -11.38
CA ASP C 7 1.47 9.36 -10.40
C ASP C 7 0.07 9.32 -10.96
N FME D 1 3.81 -8.01 15.35
CN FME D 1 3.04 -7.09 16.11
O1 FME D 1 1.87 -7.05 15.98
CA FME D 1 3.17 -8.90 14.36
CB FME D 1 3.69 -8.59 12.94
CG FME D 1 5.23 -8.84 12.78
SD FME D 1 5.68 -8.59 11.09
CE FME D 1 4.87 -9.87 10.07
C FME D 1 3.38 -10.36 14.69
O FME D 1 3.32 -11.22 13.86
N ARG D 2 3.57 -10.69 16.11
CA ARG D 2 3.72 -12.11 16.54
C ARG D 2 2.42 -12.76 16.90
N THR D 3 1.18 -12.06 16.62
CA THR D 3 -0.11 -12.65 16.76
C THR D 3 -0.66 -12.55 15.31
N GLY D 4 -1.86 -13.29 15.08
CA GLY D 4 -2.50 -13.33 13.83
C GLY D 4 -3.09 -11.99 13.39
N ASN D 5 -3.28 -11.94 11.97
CA ASN D 5 -3.80 -10.74 11.37
C ASN D 5 -5.29 -10.72 11.56
N ALA D 6 -5.79 -9.43 11.43
CA ALA D 6 -7.22 -9.07 11.33
C ALA D 6 -7.23 -8.59 9.87
N ASP D 7 -8.42 -8.68 9.12
CA ASP D 7 -8.47 -8.33 7.68
C ASP D 7 -9.80 -7.79 7.25
ZN ZN E . 15.45 23.48 0.15
MG MG F . -5.40 10.33 -19.19
P1 POP G . -1.89 7.24 -17.85
O1 POP G . -1.80 5.75 -17.50
O2 POP G . -0.68 8.04 -17.39
O3 POP G . -2.30 7.57 -19.27
O POP G . -3.12 7.67 -16.91
P2 POP G . -3.63 9.19 -16.63
O4 POP G . -4.03 9.24 -15.19
O5 POP G . -2.52 10.15 -16.97
O6 POP G . -4.83 9.39 -17.43
MG MG H . -0.52 9.86 -16.61
ZN ZN I . 4.29 -26.63 7.79
MG MG J . -19.14 -6.28 9.71
MG MG K . -13.98 -7.54 11.03
P1 POP L . -15.96 -5.93 9.05
O1 POP L . -15.65 -7.10 9.97
O2 POP L . -15.44 -5.86 7.68
O3 POP L . -17.45 -5.68 8.98
O POP L . -15.41 -4.56 9.84
P2 POP L . -14.97 -4.44 11.42
O4 POP L . -16.27 -4.41 12.19
O5 POP L . -14.25 -3.12 11.50
O6 POP L . -14.06 -5.60 11.62
O1A ND7 M . -1.01 9.43 -14.68
PA ND7 M . -1.44 9.26 -13.25
O2A ND7 M . -2.23 8.02 -12.88
N3A ND7 M . 0.02 9.31 -12.38
O5' ND7 M . -2.32 10.48 -12.73
C5' ND7 M . -1.76 11.81 -12.94
C4' ND7 M . -2.98 12.76 -12.92
C3' ND7 M . -3.77 12.59 -14.27
O3' ND7 M . -5.11 12.42 -14.07
C2' ND7 M . -3.30 13.87 -15.07
O2' ND7 M . -4.41 14.39 -15.91
C1' ND7 M . -3.03 14.79 -14.13
O4' ND7 M . -2.50 13.97 -12.84
N9 ND7 M . -1.98 15.73 -14.41
C4 ND7 M . -2.06 17.09 -14.28
C5 ND7 M . -0.86 17.61 -14.62
N7 ND7 M . -0.04 16.58 -14.94
C8 ND7 M . -0.72 15.46 -14.79
N3 ND7 M . -3.09 17.88 -13.91
C2 ND7 M . -2.91 19.17 -13.87
N1 ND7 M . -1.73 19.71 -14.21
C6 ND7 M . -0.72 18.97 -14.58
N6 ND7 M . 0.54 19.59 -14.94
O1A ND7 N . -12.30 -5.71 7.30
PA ND7 N . -12.33 -7.06 7.98
O2A ND7 N . -13.05 -7.25 9.21
N3A ND7 N . -10.75 -7.64 8.29
O5' ND7 N . -12.81 -8.12 6.84
C5' ND7 N . -12.92 -9.53 7.28
C4' ND7 N . -14.09 -10.13 6.42
C3' ND7 N . -15.46 -9.55 6.95
O3' ND7 N . -16.20 -9.05 5.92
C2' ND7 N . -16.04 -10.80 7.68
O2' ND7 N . -17.51 -10.86 7.58
C1' ND7 N . -15.55 -11.87 7.06
O4' ND7 N . -14.09 -11.43 6.60
N9 ND7 N . -15.32 -12.99 7.91
C4 ND7 N . -15.76 -14.23 7.67
C5 ND7 N . -15.32 -15.01 8.70
N7 ND7 N . -14.58 -14.22 9.56
C8 ND7 N . -14.56 -13.00 9.04
N3 ND7 N . -16.53 -14.72 6.67
C2 ND7 N . -16.83 -15.99 6.72
N1 ND7 N . -16.47 -16.77 7.72
C6 ND7 N . -15.72 -16.35 8.73
N6 ND7 N . -15.31 -17.21 9.82
#